data_3JQ1
#
_entry.id   3JQ1
#
_cell.length_a   65.650
_cell.length_b   94.690
_cell.length_c   165.042
_cell.angle_alpha   90.000
_cell.angle_beta   90.000
_cell.angle_gamma   90.000
#
_symmetry.space_group_name_H-M   'P 21 21 21'
#
loop_
_entity.id
_entity.type
_entity.pdbx_description
1 polymer 'SusD superfamily protein'
2 non-polymer 'CALCIUM ION'
3 non-polymer 'CHLORIDE ION'
4 non-polymer 1,2-ETHANEDIOL
5 water water
#
_entity_poly.entity_id   1
_entity_poly.type   'polypeptide(L)'
_entity_poly.pdbx_seq_one_letter_code
;GTEDTFWKDETDFNLALTSCYTPLKNALNGGYYGTRGV(MSE)LRIARADEVDFRNDISDVYTVNRFTNSNTNSLTQG
(MSE)FYQFYNALYRTNSI(MSE)QKLEEKKEQFSTDFQNSVKGECLFIRGFYLFQLAKEFKDAPLRLTASQSPSTFPLA
KSSQADIWAQAKEDLKTAASLLPITNKIGKPTQGAAYAALGKIYVYEENWQEAINVLEPLTQNPYTYKLVEDFNWNFDDT
HENNAESIFELLIEDVGGTDLWGDGENINSTQSNTRPKEYAAAEVGGWYEANPTQQI(MSE)DIFWKEKDKDGNFDYRAR
CSVAWDYEGCTYYQRPFREVFAQDKWKTYWILKYQNWKTQKDEPAPPKSFINERAIRYADVLL(MSE)LAEAY(MSE)NK
GALDTSIGYINQIRRRANLNDYSGPITKEGVFEDLVHQRAIEFFVEGERFYDLRRWGLLEQTLKTCDDTRYKNYQTGKSD
NINKFNYFPIPAKELDTNPLCTPSEGW
;
_entity_poly.pdbx_strand_id   A,B
#
# COMPACT_ATOMS: atom_id res chain seq x y z
N THR A 5 -27.03 -3.78 12.09
CA THR A 5 -26.88 -2.60 11.17
C THR A 5 -25.45 -2.02 11.23
N PHE A 6 -25.25 -1.04 10.37
CA PHE A 6 -23.96 -0.50 10.04
C PHE A 6 -23.83 0.83 10.80
N TRP A 7 -22.83 1.62 10.45
CA TRP A 7 -22.62 2.94 11.04
C TRP A 7 -22.37 2.92 12.54
N LYS A 8 -21.83 1.83 13.05
CA LYS A 8 -21.75 1.63 14.49
C LYS A 8 -20.51 2.18 15.15
N ASP A 9 -19.44 2.32 14.38
CA ASP A 9 -18.12 2.62 14.95
C ASP A 9 -17.18 3.18 13.86
N GLU A 10 -15.92 3.45 14.21
CA GLU A 10 -14.99 4.01 13.22
C GLU A 10 -14.77 3.07 12.06
N THR A 11 -14.67 1.77 12.35
CA THR A 11 -14.40 0.79 11.30
C THR A 11 -15.49 0.82 10.22
N ASP A 12 -16.74 0.89 10.65
CA ASP A 12 -17.88 0.93 9.73
C ASP A 12 -17.80 2.16 8.82
N PHE A 13 -17.51 3.33 9.38
CA PHE A 13 -17.38 4.54 8.57
C PHE A 13 -16.19 4.39 7.61
N ASN A 14 -15.10 3.76 8.07
CA ASN A 14 -13.96 3.60 7.18
C ASN A 14 -14.31 2.69 5.99
N LEU A 15 -15.11 1.65 6.25
CA LEU A 15 -15.58 0.73 5.20
C LEU A 15 -16.53 1.47 4.24
N ALA A 16 -17.36 2.35 4.79
CA ALA A 16 -18.24 3.13 3.91
C ALA A 16 -17.43 3.97 2.96
N LEU A 17 -16.39 4.59 3.49
CA LEU A 17 -15.53 5.47 2.68
C LEU A 17 -14.93 4.66 1.55
N THR A 18 -14.39 3.48 1.84
CA THR A 18 -13.75 2.67 0.80
CA THR A 18 -13.73 2.73 0.77
C THR A 18 -14.75 2.35 -0.31
N SER A 19 -15.99 2.13 0.07
CA SER A 19 -17.03 1.80 -0.89
C SER A 19 -17.42 2.94 -1.83
N CYS A 20 -17.09 4.17 -1.44
CA CYS A 20 -17.35 5.34 -2.30
C CYS A 20 -16.51 5.34 -3.58
N TYR A 21 -15.40 4.60 -3.62
CA TYR A 21 -14.55 4.53 -4.83
C TYR A 21 -15.03 3.46 -5.80
N THR A 22 -15.96 2.62 -5.39
CA THR A 22 -16.38 1.51 -6.21
C THR A 22 -17.00 1.95 -7.53
N PRO A 23 -17.81 3.01 -7.53
CA PRO A 23 -18.34 3.43 -8.82
C PRO A 23 -17.30 3.90 -9.82
N LEU A 24 -16.11 4.32 -9.40
CA LEU A 24 -15.00 4.65 -10.33
C LEU A 24 -14.39 3.39 -10.95
N LYS A 25 -14.65 2.23 -10.33
CA LYS A 25 -13.98 0.97 -10.69
C LYS A 25 -14.85 0.05 -11.54
N ASN A 26 -16.13 0.41 -11.65
CA ASN A 26 -17.06 -0.37 -12.38
C ASN A 26 -16.62 -0.61 -13.83
N ALA A 27 -16.59 -1.88 -14.24
CA ALA A 27 -15.99 -2.26 -15.52
C ALA A 27 -16.86 -2.02 -16.74
N LEU A 28 -18.09 -2.51 -16.69
CA LEU A 28 -18.92 -2.63 -17.89
C LEU A 28 -20.00 -1.55 -18.03
N ASN A 29 -20.24 -0.79 -16.95
CA ASN A 29 -21.35 0.17 -16.87
C ASN A 29 -20.95 1.65 -16.77
N GLY A 30 -19.71 1.97 -17.14
CA GLY A 30 -19.32 3.37 -17.28
C GLY A 30 -18.61 3.95 -16.08
N GLY A 31 -18.24 3.10 -15.12
CA GLY A 31 -17.32 3.52 -14.09
C GLY A 31 -16.12 4.19 -14.73
N TYR A 32 -15.71 5.32 -14.17
CA TYR A 32 -14.81 6.24 -14.87
C TYR A 32 -13.46 5.63 -15.20
N TYR A 33 -12.95 4.80 -14.29
CA TYR A 33 -11.60 4.17 -14.45
C TYR A 33 -11.72 2.67 -14.74
N GLY A 34 -12.94 2.17 -14.99
CA GLY A 34 -13.12 0.83 -15.49
C GLY A 34 -12.94 0.77 -17.00
N THR A 35 -12.91 -0.45 -17.53
CA THR A 35 -12.56 -0.58 -18.95
C THR A 35 -13.44 0.23 -19.91
N ARG A 36 -14.75 0.22 -19.69
CA ARG A 36 -15.64 0.94 -20.63
C ARG A 36 -15.56 2.47 -20.49
N GLY A 37 -15.38 2.96 -19.23
CA GLY A 37 -15.12 4.35 -18.93
C GLY A 37 -13.86 4.89 -19.56
N VAL A 38 -12.79 4.12 -19.45
CA VAL A 38 -11.55 4.45 -20.13
C VAL A 38 -11.79 4.57 -21.62
N LEU A 40 -14.54 5.34 -23.24
CA LEU A 40 -15.29 6.59 -23.51
C LEU A 40 -14.39 7.81 -23.41
N ARG A 41 -13.49 7.80 -22.43
CA ARG A 41 -12.54 8.91 -22.20
C ARG A 41 -11.47 9.10 -23.26
N ILE A 42 -11.03 8.01 -23.90
CA ILE A 42 -10.01 8.09 -24.93
C ILE A 42 -10.58 8.15 -26.36
N ALA A 43 -11.87 7.89 -26.51
CA ALA A 43 -12.44 7.69 -27.82
C ALA A 43 -12.56 8.94 -28.71
N ARG A 44 -12.72 10.13 -28.13
CA ARG A 44 -13.22 11.25 -28.92
C ARG A 44 -12.13 12.19 -29.43
N ALA A 45 -10.87 11.94 -29.11
CA ALA A 45 -9.83 12.77 -29.68
C ALA A 45 -9.20 12.09 -30.91
N ASP A 46 -7.94 12.42 -31.14
CA ASP A 46 -7.17 11.93 -32.24
C ASP A 46 -6.20 10.82 -31.88
N GLU A 47 -6.42 10.16 -30.75
CA GLU A 47 -5.49 9.17 -30.25
C GLU A 47 -5.67 7.82 -30.89
N VAL A 48 -6.92 7.38 -30.98
CA VAL A 48 -7.21 6.01 -31.36
C VAL A 48 -8.45 5.90 -32.24
N ASP A 49 -8.41 4.92 -33.15
CA ASP A 49 -9.63 4.41 -33.83
C ASP A 49 -10.12 3.11 -33.16
N PHE A 50 -11.40 3.01 -32.82
CA PHE A 50 -11.94 1.76 -32.30
C PHE A 50 -12.52 0.97 -33.45
N ARG A 51 -12.41 -0.34 -33.37
CA ARG A 51 -13.14 -1.19 -34.29
C ARG A 51 -14.60 -1.27 -33.86
N ASN A 52 -15.45 -1.75 -34.77
CA ASN A 52 -16.86 -1.77 -34.51
C ASN A 52 -17.26 -3.11 -33.88
N ASP A 53 -16.87 -3.28 -32.63
CA ASP A 53 -17.26 -4.42 -31.83
C ASP A 53 -18.17 -3.95 -30.69
N ILE A 54 -17.65 -3.06 -29.86
CA ILE A 54 -18.42 -2.53 -28.73
C ILE A 54 -19.10 -1.31 -29.29
N SER A 55 -20.34 -1.51 -29.74
CA SER A 55 -21.08 -0.51 -30.48
CA SER A 55 -21.04 -0.49 -30.49
C SER A 55 -21.19 0.85 -29.78
N ASP A 56 -21.47 0.84 -28.47
CA ASP A 56 -21.65 2.11 -27.73
C ASP A 56 -20.35 2.94 -27.61
N VAL A 57 -19.19 2.28 -27.65
CA VAL A 57 -17.90 2.96 -27.75
C VAL A 57 -17.60 3.39 -29.19
N TYR A 58 -17.91 2.56 -30.17
CA TYR A 58 -17.67 2.90 -31.56
C TYR A 58 -18.43 4.15 -31.99
N THR A 59 -19.70 4.25 -31.60
CA THR A 59 -20.49 5.41 -31.98
C THR A 59 -19.92 6.64 -31.34
N VAL A 60 -19.43 6.53 -30.11
CA VAL A 60 -18.77 7.69 -29.48
C VAL A 60 -17.50 8.12 -30.23
N ASN A 61 -16.67 7.14 -30.60
CA ASN A 61 -15.43 7.36 -31.37
C ASN A 61 -15.68 8.03 -32.72
N ARG A 62 -16.83 7.72 -33.32
CA ARG A 62 -17.13 8.16 -34.68
C ARG A 62 -18.02 9.40 -34.75
N PHE A 63 -18.44 9.87 -33.57
CA PHE A 63 -19.39 10.98 -33.43
C PHE A 63 -20.76 10.66 -34.10
N THR A 64 -21.30 9.49 -33.78
CA THR A 64 -22.62 9.08 -34.22
C THR A 64 -23.47 8.65 -33.01
N ASN A 65 -23.00 8.90 -31.79
CA ASN A 65 -23.75 8.52 -30.61
C ASN A 65 -25.01 9.35 -30.45
N SER A 66 -26.00 8.76 -29.78
CA SER A 66 -27.28 9.40 -29.48
C SER A 66 -27.48 9.51 -27.98
N ASN A 67 -28.57 10.16 -27.56
CA ASN A 67 -28.86 10.30 -26.12
C ASN A 67 -29.44 9.02 -25.49
N THR A 68 -29.53 7.94 -26.27
CA THR A 68 -29.85 6.61 -25.72
C THR A 68 -28.64 5.68 -25.52
N ASN A 69 -27.45 6.14 -25.84
CA ASN A 69 -26.26 5.35 -25.62
C ASN A 69 -26.21 4.82 -24.17
N SER A 70 -26.17 3.49 -24.05
CA SER A 70 -26.29 2.90 -22.74
C SER A 70 -25.04 3.09 -21.89
N LEU A 71 -23.89 3.21 -22.54
CA LEU A 71 -22.62 3.36 -21.82
C LEU A 71 -22.43 4.79 -21.25
N THR A 72 -22.81 5.81 -22.02
CA THR A 72 -22.76 7.18 -21.50
C THR A 72 -23.84 7.38 -20.43
N GLN A 73 -24.99 6.73 -20.64
CA GLN A 73 -26.01 6.64 -19.61
C GLN A 73 -25.44 6.04 -18.30
N GLY A 74 -24.74 4.94 -18.45
CA GLY A 74 -24.15 4.26 -17.30
C GLY A 74 -23.12 5.16 -16.60
N PHE A 76 -23.11 8.42 -16.44
CA PHE A 76 -23.93 9.41 -15.75
C PHE A 76 -24.37 8.88 -14.41
N TYR A 77 -25.01 7.72 -14.44
CA TYR A 77 -25.61 7.17 -13.23
C TYR A 77 -24.59 6.66 -12.24
N GLN A 78 -23.42 6.21 -12.69
CA GLN A 78 -22.34 5.85 -11.74
C GLN A 78 -21.91 7.04 -10.91
N PHE A 79 -21.82 8.22 -11.55
CA PHE A 79 -21.48 9.44 -10.84
C PHE A 79 -22.50 9.68 -9.73
N TYR A 80 -23.79 9.53 -10.03
CA TYR A 80 -24.82 9.81 -9.04
C TYR A 80 -24.88 8.76 -7.90
N ASN A 81 -24.56 7.50 -8.22
CA ASN A 81 -24.40 6.45 -7.22
CA ASN A 81 -24.44 6.48 -7.20
C ASN A 81 -23.33 6.86 -6.19
N ALA A 82 -22.18 7.31 -6.70
CA ALA A 82 -21.09 7.73 -5.82
C ALA A 82 -21.48 8.92 -5.00
N LEU A 83 -22.15 9.89 -5.62
CA LEU A 83 -22.59 11.07 -4.86
C LEU A 83 -23.52 10.71 -3.72
N TYR A 84 -24.43 9.78 -4.00
CA TYR A 84 -25.38 9.32 -3.00
C TYR A 84 -24.63 8.74 -1.82
N ARG A 85 -23.59 7.95 -2.11
CA ARG A 85 -22.78 7.33 -1.04
C ARG A 85 -22.05 8.37 -0.21
N THR A 86 -21.39 9.32 -0.87
CA THR A 86 -20.65 10.35 -0.14
C THR A 86 -21.58 11.27 0.67
N ASN A 87 -22.70 11.66 0.08
CA ASN A 87 -23.67 12.44 0.83
C ASN A 87 -24.23 11.68 2.06
N SER A 88 -24.44 10.39 1.89
CA SER A 88 -24.98 9.53 2.96
C SER A 88 -24.01 9.49 4.13
N ILE A 89 -22.72 9.35 3.83
CA ILE A 89 -21.71 9.34 4.88
C ILE A 89 -21.68 10.65 5.64
N GLN A 91 -24.06 12.74 6.03
CA GLN A 91 -25.30 12.83 6.85
C GLN A 91 -25.21 11.95 8.08
N LYS A 92 -24.77 10.73 7.88
CA LYS A 92 -24.61 9.78 9.01
C LYS A 92 -23.57 10.26 10.02
N LEU A 93 -22.49 10.85 9.55
CA LEU A 93 -21.45 11.41 10.44
C LEU A 93 -22.02 12.53 11.28
N GLU A 94 -22.82 13.40 10.67
CA GLU A 94 -23.44 14.51 11.39
C GLU A 94 -24.42 13.95 12.44
N GLU A 95 -25.26 13.01 12.02
CA GLU A 95 -26.22 12.37 12.93
C GLU A 95 -25.53 11.72 14.16
N LYS A 96 -24.38 11.09 13.94
CA LYS A 96 -23.69 10.31 14.97
C LYS A 96 -22.43 10.98 15.52
N LYS A 97 -22.23 12.26 15.20
CA LYS A 97 -20.97 12.96 15.54
C LYS A 97 -20.61 12.89 17.03
N GLU A 98 -21.63 12.86 17.90
CA GLU A 98 -21.42 12.80 19.33
C GLU A 98 -20.62 11.56 19.77
N GLN A 99 -20.67 10.45 19.00
CA GLN A 99 -19.88 9.24 19.39
C GLN A 99 -18.47 9.20 18.83
N PHE A 100 -18.11 10.20 18.03
CA PHE A 100 -16.78 10.25 17.41
C PHE A 100 -15.95 11.43 17.87
N SER A 101 -14.66 11.19 17.96
CA SER A 101 -13.75 12.25 18.30
C SER A 101 -13.81 13.27 17.19
N THR A 102 -13.53 14.51 17.54
CA THR A 102 -13.42 15.54 16.50
C THR A 102 -12.33 15.15 15.46
N ASP A 103 -11.20 14.55 15.85
CA ASP A 103 -10.14 14.09 14.92
CA ASP A 103 -10.22 14.23 14.82
C ASP A 103 -10.65 13.05 13.91
N PHE A 104 -11.44 12.11 14.41
CA PHE A 104 -12.07 11.12 13.51
C PHE A 104 -13.09 11.79 12.56
N GLN A 105 -13.89 12.70 13.10
CA GLN A 105 -14.88 13.45 12.29
C GLN A 105 -14.13 14.16 11.16
N ASN A 106 -13.00 14.79 11.51
CA ASN A 106 -12.21 15.49 10.51
C ASN A 106 -11.63 14.56 9.46
N SER A 107 -11.17 13.38 9.88
CA SER A 107 -10.63 12.45 8.91
C SER A 107 -11.70 12.02 7.93
N VAL A 108 -12.89 11.69 8.42
CA VAL A 108 -13.96 11.24 7.56
C VAL A 108 -14.39 12.34 6.62
N LYS A 109 -14.59 13.55 7.15
CA LYS A 109 -15.00 14.66 6.31
C LYS A 109 -13.96 14.96 5.26
N GLY A 110 -12.68 14.89 5.60
CA GLY A 110 -11.67 15.25 4.64
C GLY A 110 -11.71 14.29 3.47
N GLU A 111 -11.79 13.01 3.77
CA GLU A 111 -11.77 12.01 2.69
C GLU A 111 -13.06 12.06 1.88
N CYS A 112 -14.19 12.14 2.60
CA CYS A 112 -15.47 12.15 1.97
CA CYS A 112 -15.55 12.24 2.02
C CYS A 112 -15.65 13.36 1.01
N LEU A 113 -15.22 14.55 1.43
CA LEU A 113 -15.23 15.71 0.56
C LEU A 113 -14.25 15.67 -0.60
N PHE A 114 -13.11 14.99 -0.43
CA PHE A 114 -12.21 14.78 -1.55
C PHE A 114 -12.97 13.97 -2.60
N ILE A 115 -13.62 12.91 -2.13
CA ILE A 115 -14.28 12.00 -3.04
C ILE A 115 -15.43 12.73 -3.74
N ARG A 116 -16.23 13.45 -2.98
CA ARG A 116 -17.38 14.17 -3.56
C ARG A 116 -16.94 15.21 -4.57
N GLY A 117 -15.86 15.92 -4.27
CA GLY A 117 -15.34 16.94 -5.16
C GLY A 117 -14.79 16.36 -6.45
N PHE A 118 -14.13 15.22 -6.34
CA PHE A 118 -13.56 14.57 -7.49
C PHE A 118 -14.68 14.13 -8.43
N TYR A 119 -15.70 13.45 -7.88
CA TYR A 119 -16.80 13.04 -8.73
C TYR A 119 -17.53 14.23 -9.33
N LEU A 120 -17.75 15.29 -8.54
CA LEU A 120 -18.46 16.49 -9.08
C LEU A 120 -17.69 17.09 -10.25
N PHE A 121 -16.37 17.14 -10.11
CA PHE A 121 -15.55 17.62 -11.19
C PHE A 121 -15.84 16.83 -12.47
N GLN A 122 -15.77 15.51 -12.37
CA GLN A 122 -15.92 14.65 -13.55
C GLN A 122 -17.34 14.75 -14.14
N LEU A 123 -18.33 14.88 -13.24
CA LEU A 123 -19.73 14.98 -13.67
C LEU A 123 -19.90 16.17 -14.61
N ALA A 124 -19.45 17.35 -14.18
CA ALA A 124 -19.65 18.56 -15.00
C ALA A 124 -18.62 18.62 -16.14
N LYS A 125 -17.46 17.93 -15.97
CA LYS A 125 -16.53 17.81 -17.08
C LYS A 125 -17.11 17.00 -18.25
N GLU A 126 -17.94 16.01 -17.92
CA GLU A 126 -18.50 15.14 -18.96
C GLU A 126 -19.85 15.59 -19.47
N PHE A 127 -20.68 16.17 -18.60
CA PHE A 127 -22.07 16.49 -18.96
C PHE A 127 -22.42 17.97 -18.96
N LYS A 128 -21.43 18.79 -18.55
CA LYS A 128 -21.55 20.25 -18.53
CA LYS A 128 -21.55 20.25 -18.52
C LYS A 128 -22.54 20.68 -17.46
N ASP A 129 -23.83 20.69 -17.80
CA ASP A 129 -24.89 21.09 -16.86
C ASP A 129 -25.74 19.88 -16.53
N ALA A 130 -26.02 19.68 -15.25
CA ALA A 130 -26.65 18.46 -14.79
C ALA A 130 -27.24 18.68 -13.39
N PRO A 131 -28.18 17.81 -12.99
CA PRO A 131 -28.77 17.98 -11.70
C PRO A 131 -27.70 17.84 -10.62
N LEU A 132 -27.83 18.65 -9.57
CA LEU A 132 -26.81 18.72 -8.52
C LEU A 132 -27.47 18.23 -7.23
N ARG A 133 -27.18 16.98 -6.88
CA ARG A 133 -27.78 16.34 -5.71
C ARG A 133 -26.79 16.37 -4.52
N LEU A 134 -27.07 17.18 -3.51
CA LEU A 134 -26.12 17.25 -2.38
C LEU A 134 -26.66 16.65 -1.08
N THR A 135 -27.84 16.05 -1.17
CA THR A 135 -28.40 15.27 -0.08
C THR A 135 -28.77 13.87 -0.57
N ALA A 136 -28.72 12.91 0.35
CA ALA A 136 -29.07 11.54 0.04
C ALA A 136 -30.35 11.24 0.81
N SER A 137 -31.38 10.78 0.12
CA SER A 137 -32.56 10.29 0.82
C SER A 137 -32.27 8.90 1.38
N GLN A 138 -33.27 8.29 2.01
CA GLN A 138 -33.16 6.90 2.48
C GLN A 138 -32.81 6.00 1.29
N SER A 139 -33.49 6.25 0.17
CA SER A 139 -33.17 5.65 -1.14
C SER A 139 -32.68 6.78 -2.08
N PRO A 140 -31.85 6.44 -3.10
CA PRO A 140 -31.47 7.50 -4.05
C PRO A 140 -32.73 8.11 -4.66
N SER A 141 -32.84 9.44 -4.54
CA SER A 141 -34.10 10.13 -4.84
C SER A 141 -34.30 10.26 -6.34
N THR A 142 -35.51 9.92 -6.76
CA THR A 142 -35.96 10.05 -8.13
C THR A 142 -36.89 11.28 -8.25
N PHE A 143 -36.87 12.15 -7.25
CA PHE A 143 -37.70 13.33 -7.29
C PHE A 143 -37.10 14.27 -8.33
N PRO A 144 -37.96 14.98 -9.08
CA PRO A 144 -37.53 15.94 -10.11
C PRO A 144 -36.57 17.01 -9.62
N LEU A 145 -35.64 17.40 -10.49
CA LEU A 145 -34.61 18.33 -10.09
C LEU A 145 -34.02 19.00 -11.34
N ALA A 146 -34.19 20.32 -11.45
CA ALA A 146 -33.62 21.06 -12.58
C ALA A 146 -32.11 21.02 -12.53
N LYS A 147 -31.49 21.15 -13.70
CA LYS A 147 -30.03 21.13 -13.81
C LYS A 147 -29.38 22.32 -13.15
N SER A 148 -28.14 22.10 -12.69
CA SER A 148 -27.22 23.18 -12.35
C SER A 148 -26.20 23.39 -13.44
N SER A 149 -25.71 24.60 -13.55
CA SER A 149 -24.66 24.90 -14.50
C SER A 149 -23.34 24.22 -14.14
N GLN A 150 -22.52 24.01 -15.16
CA GLN A 150 -21.13 23.56 -14.94
C GLN A 150 -20.44 24.41 -13.87
N ALA A 151 -20.59 25.72 -13.96
CA ALA A 151 -19.93 26.62 -13.00
C ALA A 151 -20.38 26.34 -11.57
N ASP A 152 -21.69 26.14 -11.39
CA ASP A 152 -22.21 25.84 -10.07
C ASP A 152 -21.79 24.46 -9.52
N ILE A 153 -21.72 23.47 -10.40
CA ILE A 153 -21.27 22.17 -10.00
C ILE A 153 -19.79 22.23 -9.58
N TRP A 154 -18.98 22.82 -10.44
CA TRP A 154 -17.59 23.02 -10.10
C TRP A 154 -17.38 23.91 -8.86
N ALA A 155 -18.25 24.87 -8.63
CA ALA A 155 -18.17 25.66 -7.39
C ALA A 155 -18.29 24.79 -6.16
N GLN A 156 -19.26 23.87 -6.15
CA GLN A 156 -19.39 22.92 -5.06
C GLN A 156 -18.14 22.05 -4.94
N ALA A 157 -17.66 21.58 -6.08
CA ALA A 157 -16.48 20.72 -6.11
C ALA A 157 -15.26 21.44 -5.52
N LYS A 158 -15.09 22.71 -5.86
CA LYS A 158 -14.00 23.51 -5.29
C LYS A 158 -14.15 23.67 -3.78
N GLU A 159 -15.37 23.92 -3.31
CA GLU A 159 -15.59 24.08 -1.85
C GLU A 159 -15.21 22.77 -1.13
N ASP A 160 -15.68 21.65 -1.68
CA ASP A 160 -15.39 20.32 -1.12
C ASP A 160 -13.88 20.08 -1.06
N LEU A 161 -13.17 20.34 -2.18
CA LEU A 161 -11.76 20.04 -2.29
C LEU A 161 -10.89 21.00 -1.46
N LYS A 162 -11.28 22.27 -1.35
CA LYS A 162 -10.63 23.20 -0.42
C LYS A 162 -10.69 22.70 1.02
N THR A 163 -11.87 22.31 1.47
CA THR A 163 -12.02 21.79 2.80
C THR A 163 -11.26 20.50 2.96
N ALA A 164 -11.39 19.59 1.98
CA ALA A 164 -10.60 18.34 2.03
C ALA A 164 -9.11 18.61 2.20
N ALA A 165 -8.52 19.48 1.36
CA ALA A 165 -7.06 19.73 1.43
C ALA A 165 -6.63 20.15 2.84
N SER A 166 -7.46 20.94 3.48
CA SER A 166 -7.16 21.44 4.82
C SER A 166 -7.23 20.37 5.88
N LEU A 167 -7.93 19.27 5.60
CA LEU A 167 -8.16 18.25 6.63
C LEU A 167 -7.33 16.98 6.43
N LEU A 168 -6.89 16.75 5.21
CA LEU A 168 -6.16 15.51 4.84
C LEU A 168 -4.69 15.50 5.23
N PRO A 169 -4.10 14.29 5.37
CA PRO A 169 -2.71 14.16 5.76
C PRO A 169 -1.74 14.31 4.60
N ILE A 170 -0.47 14.54 4.88
CA ILE A 170 0.51 14.73 3.82
C ILE A 170 0.84 13.40 3.09
N THR A 171 0.74 12.29 3.83
CA THR A 171 0.82 10.95 3.26
C THR A 171 -0.40 10.16 3.67
N ASN A 172 -0.67 9.12 2.93
CA ASN A 172 -1.79 8.26 3.20
C ASN A 172 -1.50 6.88 2.60
N LYS A 173 -2.28 5.91 3.04
CA LYS A 173 -2.24 4.58 2.49
C LYS A 173 -2.57 4.66 1.01
N ILE A 174 -2.03 3.73 0.23
CA ILE A 174 -2.29 3.72 -1.20
C ILE A 174 -3.81 3.71 -1.45
N GLY A 175 -4.30 4.51 -2.41
CA GLY A 175 -5.71 4.62 -2.70
C GLY A 175 -6.54 5.58 -1.83
N LYS A 176 -5.93 6.14 -0.79
CA LYS A 176 -6.55 7.08 0.12
CA LYS A 176 -6.59 7.08 0.10
C LYS A 176 -5.96 8.46 -0.11
N PRO A 177 -6.80 9.50 -0.10
CA PRO A 177 -6.29 10.79 -0.54
C PRO A 177 -5.42 11.50 0.49
N THR A 178 -4.43 12.25 0.00
CA THR A 178 -3.60 13.13 0.75
C THR A 178 -4.03 14.60 0.52
N GLN A 179 -3.51 15.50 1.33
CA GLN A 179 -3.72 16.94 1.06
C GLN A 179 -3.23 17.30 -0.36
N GLY A 180 -2.13 16.72 -0.81
CA GLY A 180 -1.61 16.95 -2.18
C GLY A 180 -2.54 16.50 -3.26
N ALA A 181 -3.21 15.36 -3.06
CA ALA A 181 -4.23 14.90 -4.02
C ALA A 181 -5.38 15.93 -4.11
N ALA A 182 -5.85 16.41 -2.96
CA ALA A 182 -6.92 17.41 -2.91
C ALA A 182 -6.47 18.71 -3.59
N TYR A 183 -5.26 19.20 -3.27
CA TYR A 183 -4.74 20.39 -3.93
C TYR A 183 -4.59 20.22 -5.42
N ALA A 184 -4.11 19.08 -5.86
CA ALA A 184 -3.92 18.82 -7.30
C ALA A 184 -5.25 18.75 -8.00
N ALA A 185 -6.24 18.08 -7.42
CA ALA A 185 -7.57 18.03 -8.04
C ALA A 185 -8.19 19.44 -8.11
N LEU A 186 -8.03 20.20 -7.04
CA LEU A 186 -8.52 21.55 -6.97
C LEU A 186 -7.85 22.39 -8.06
N GLY A 187 -6.52 22.25 -8.15
CA GLY A 187 -5.76 22.96 -9.20
C GLY A 187 -6.26 22.68 -10.61
N LYS A 188 -6.69 21.45 -10.87
CA LYS A 188 -7.20 21.10 -12.16
C LYS A 188 -8.51 21.79 -12.44
N ILE A 189 -9.40 21.91 -11.43
CA ILE A 189 -10.61 22.68 -11.63
C ILE A 189 -10.25 24.15 -11.97
N TYR A 190 -9.30 24.75 -11.23
CA TYR A 190 -8.85 26.13 -11.59
C TYR A 190 -8.35 26.22 -13.02
N VAL A 191 -7.55 25.24 -13.45
CA VAL A 191 -7.03 25.21 -14.83
C VAL A 191 -8.24 25.15 -15.83
N TYR A 192 -9.20 24.26 -15.58
CA TYR A 192 -10.33 24.14 -16.48
C TYR A 192 -11.18 25.42 -16.52
N GLU A 193 -11.10 26.22 -15.46
CA GLU A 193 -11.83 27.51 -15.39
C GLU A 193 -10.98 28.72 -15.78
N GLU A 194 -9.73 28.46 -16.18
CA GLU A 194 -8.77 29.50 -16.56
C GLU A 194 -8.49 30.47 -15.41
N ASN A 195 -8.56 29.94 -14.19
CA ASN A 195 -8.24 30.73 -13.00
C ASN A 195 -6.78 30.46 -12.70
N TRP A 196 -5.93 31.15 -13.42
CA TRP A 196 -4.54 30.77 -13.44
C TRP A 196 -3.87 31.14 -12.11
N GLN A 197 -4.25 32.27 -11.55
CA GLN A 197 -3.66 32.68 -10.29
C GLN A 197 -3.93 31.63 -9.17
N GLU A 198 -5.15 31.17 -9.05
CA GLU A 198 -5.45 30.19 -8.03
C GLU A 198 -4.84 28.81 -8.33
N ALA A 199 -4.76 28.41 -9.60
CA ALA A 199 -4.01 27.19 -9.96
C ALA A 199 -2.56 27.29 -9.44
N ILE A 200 -1.91 28.43 -9.65
CA ILE A 200 -0.55 28.62 -9.16
C ILE A 200 -0.49 28.55 -7.63
N ASN A 201 -1.45 29.20 -6.99
CA ASN A 201 -1.50 29.21 -5.53
C ASN A 201 -1.54 27.79 -4.95
N VAL A 202 -2.38 26.92 -5.53
CA VAL A 202 -2.54 25.62 -4.89
C VAL A 202 -1.53 24.59 -5.40
N LEU A 203 -1.03 24.76 -6.61
CA LEU A 203 -0.13 23.77 -7.21
C LEU A 203 1.38 24.02 -6.91
N GLU A 204 1.84 25.28 -6.87
CA GLU A 204 3.24 25.56 -6.69
CA GLU A 204 3.25 25.58 -6.68
C GLU A 204 3.79 24.94 -5.39
N PRO A 205 3.02 25.01 -4.30
CA PRO A 205 3.58 24.44 -3.06
C PRO A 205 3.85 22.95 -3.14
N LEU A 206 3.16 22.23 -4.03
CA LEU A 206 3.35 20.78 -4.19
C LEU A 206 4.69 20.40 -4.76
N THR A 207 5.43 21.39 -5.26
CA THR A 207 6.77 21.18 -5.79
C THR A 207 7.88 21.42 -4.79
N GLN A 208 7.51 21.66 -3.54
CA GLN A 208 8.42 22.07 -2.49
CA GLN A 208 8.44 22.04 -2.50
C GLN A 208 8.21 21.25 -1.22
N ASN A 209 9.22 21.26 -0.35
CA ASN A 209 9.06 20.74 1.01
C ASN A 209 7.78 21.36 1.60
N PRO A 210 7.00 20.56 2.35
CA PRO A 210 7.28 19.21 2.87
C PRO A 210 6.84 18.07 1.95
N TYR A 211 6.43 18.39 0.73
CA TYR A 211 6.09 17.35 -0.19
C TYR A 211 7.35 16.67 -0.73
N THR A 212 7.15 15.45 -1.26
CA THR A 212 8.24 14.58 -1.73
C THR A 212 7.95 14.10 -3.15
N TYR A 213 7.00 14.72 -3.81
CA TYR A 213 6.74 14.36 -5.23
C TYR A 213 7.92 14.64 -6.15
N LYS A 214 8.19 13.67 -7.01
CA LYS A 214 9.24 13.79 -7.99
CA LYS A 214 9.28 13.75 -7.97
CA LYS A 214 9.25 13.80 -7.99
C LYS A 214 8.88 12.96 -9.21
N LEU A 215 9.40 13.34 -10.37
CA LEU A 215 9.26 12.50 -11.52
C LEU A 215 10.18 11.28 -11.35
N VAL A 216 9.65 10.09 -11.56
CA VAL A 216 10.47 8.89 -11.58
C VAL A 216 11.39 8.87 -12.80
N GLU A 217 12.56 8.30 -12.64
CA GLU A 217 13.56 8.32 -13.69
C GLU A 217 13.06 7.54 -14.91
N ASP A 218 12.37 6.44 -14.65
CA ASP A 218 11.82 5.58 -15.69
C ASP A 218 10.34 5.83 -15.80
N PHE A 219 9.96 6.52 -16.88
CA PHE A 219 8.57 6.86 -17.16
C PHE A 219 7.63 5.67 -17.00
N ASN A 220 8.08 4.48 -17.42
CA ASN A 220 7.24 3.28 -17.40
C ASN A 220 6.76 2.84 -16.03
N TRP A 221 7.48 3.27 -15.00
CA TRP A 221 7.07 2.96 -13.65
C TRP A 221 5.74 3.55 -13.28
N ASN A 222 5.31 4.56 -14.02
CA ASN A 222 3.94 5.04 -13.83
C ASN A 222 2.83 4.12 -14.29
N PHE A 223 3.16 3.06 -15.03
CA PHE A 223 2.11 2.28 -15.69
C PHE A 223 2.34 0.80 -15.49
N ASP A 224 3.00 0.44 -14.39
CA ASP A 224 3.30 -0.98 -14.10
C ASP A 224 2.71 -1.43 -12.76
N ASP A 225 2.92 -2.71 -12.43
CA ASP A 225 2.45 -3.29 -11.22
C ASP A 225 3.48 -3.09 -10.12
N THR A 226 4.75 -3.31 -10.43
CA THR A 226 5.78 -3.37 -9.37
C THR A 226 6.12 -2.01 -8.77
N HIS A 227 5.86 -0.92 -9.51
CA HIS A 227 6.13 0.44 -9.02
C HIS A 227 4.89 1.26 -8.79
N GLU A 228 3.80 0.58 -8.41
CA GLU A 228 2.65 1.24 -7.90
C GLU A 228 3.05 2.04 -6.65
N ASN A 229 2.31 3.13 -6.40
CA ASN A 229 2.59 4.05 -5.31
C ASN A 229 4.00 4.63 -5.31
N ASN A 230 4.55 4.85 -6.50
CA ASN A 230 5.90 5.42 -6.60
C ASN A 230 5.91 6.94 -6.27
N ALA A 231 7.09 7.54 -6.31
CA ALA A 231 7.32 8.92 -5.81
C ALA A 231 6.65 10.01 -6.66
N GLU A 232 6.25 9.63 -7.87
CA GLU A 232 5.49 10.51 -8.75
C GLU A 232 3.99 10.37 -8.55
N SER A 233 3.55 9.33 -7.84
CA SER A 233 2.13 9.09 -7.67
C SER A 233 1.48 10.11 -6.76
N ILE A 234 0.33 10.66 -7.17
CA ILE A 234 -0.41 11.56 -6.27
C ILE A 234 -1.70 10.87 -5.76
N PHE A 235 -2.44 10.24 -6.66
CA PHE A 235 -3.62 9.46 -6.31
C PHE A 235 -3.81 8.32 -7.31
N GLU A 236 -3.94 7.11 -6.77
CA GLU A 236 -4.07 5.86 -7.55
C GLU A 236 -5.25 5.07 -7.12
N LEU A 237 -5.84 4.33 -8.06
CA LEU A 237 -7.01 3.49 -7.78
C LEU A 237 -6.66 2.01 -7.96
N LEU A 238 -7.05 1.20 -6.97
CA LEU A 238 -6.82 -0.24 -7.00
C LEU A 238 -8.15 -0.81 -7.52
N ILE A 239 -8.25 -1.00 -8.84
CA ILE A 239 -9.47 -1.32 -9.56
C ILE A 239 -10.09 -2.65 -9.09
N GLU A 240 -9.25 -3.61 -8.73
CA GLU A 240 -9.69 -4.94 -8.33
C GLU A 240 -10.19 -4.98 -6.87
N ASP A 241 -9.95 -3.89 -6.13
CA ASP A 241 -10.27 -3.86 -4.72
C ASP A 241 -11.62 -3.18 -4.57
N VAL A 242 -12.66 -4.03 -4.53
CA VAL A 242 -14.04 -3.59 -4.41
C VAL A 242 -14.78 -4.52 -3.44
N TRP A 248 -26.66 -0.95 -0.31
CA TRP A 248 -25.21 -0.75 -0.34
C TRP A 248 -24.62 -0.83 1.07
N SER A 259 -12.50 -9.38 -13.33
CA SER A 259 -12.51 -10.23 -14.54
C SER A 259 -12.45 -9.47 -15.87
N ASN A 260 -13.15 -8.31 -15.96
CA ASN A 260 -13.27 -7.51 -17.20
C ASN A 260 -12.31 -6.31 -17.21
N THR A 261 -11.04 -6.54 -17.54
CA THR A 261 -10.04 -5.53 -17.33
C THR A 261 -9.35 -5.03 -18.61
N ARG A 262 -8.60 -3.97 -18.43
CA ARG A 262 -8.15 -3.17 -19.57
C ARG A 262 -7.19 -3.85 -20.57
N PRO A 263 -6.20 -4.62 -20.07
CA PRO A 263 -5.17 -4.98 -21.04
C PRO A 263 -5.64 -5.94 -22.14
N LYS A 264 -6.54 -6.86 -21.84
CA LYS A 264 -6.93 -7.80 -22.91
C LYS A 264 -7.65 -7.08 -24.05
N GLU A 265 -8.28 -5.93 -23.73
CA GLU A 265 -9.02 -5.18 -24.72
C GLU A 265 -8.14 -4.71 -25.86
N TYR A 266 -6.92 -4.26 -25.55
CA TYR A 266 -6.09 -3.50 -26.54
C TYR A 266 -4.98 -4.31 -27.18
N ALA A 267 -4.72 -5.50 -26.65
CA ALA A 267 -3.72 -6.39 -27.20
C ALA A 267 -4.17 -6.97 -28.53
N ALA A 268 -3.21 -7.23 -29.40
CA ALA A 268 -3.47 -7.85 -30.71
C ALA A 268 -4.00 -9.28 -30.56
N ALA A 269 -4.81 -9.70 -31.55
CA ALA A 269 -5.26 -11.08 -31.68
C ALA A 269 -4.07 -12.04 -31.61
N GLU A 270 -2.94 -11.61 -32.17
CA GLU A 270 -1.71 -12.41 -32.18
C GLU A 270 -1.20 -12.80 -30.82
N VAL A 271 -1.55 -12.05 -29.77
CA VAL A 271 -1.16 -12.38 -28.41
C VAL A 271 -2.37 -12.62 -27.50
N GLY A 272 -3.52 -12.90 -28.11
CA GLY A 272 -4.72 -13.32 -27.36
C GLY A 272 -5.68 -12.21 -26.97
N GLY A 273 -5.46 -11.01 -27.49
CA GLY A 273 -6.31 -9.88 -27.12
C GLY A 273 -7.46 -9.64 -28.07
N TRP A 274 -8.25 -8.61 -27.74
CA TRP A 274 -9.44 -8.26 -28.51
CA TRP A 274 -9.45 -8.23 -28.49
C TRP A 274 -9.25 -7.06 -29.44
N TYR A 275 -8.02 -6.57 -29.55
CA TYR A 275 -7.65 -5.57 -30.57
C TYR A 275 -8.73 -4.51 -30.80
N GLU A 276 -9.19 -3.90 -29.72
CA GLU A 276 -10.36 -3.01 -29.81
C GLU A 276 -10.10 -1.65 -30.39
N ALA A 277 -8.84 -1.21 -30.31
CA ALA A 277 -8.45 0.10 -30.78
C ALA A 277 -6.98 0.11 -31.13
N ASN A 278 -6.64 1.01 -32.05
CA ASN A 278 -5.27 1.27 -32.45
C ASN A 278 -4.98 2.74 -32.54
N PRO A 279 -3.75 3.16 -32.21
CA PRO A 279 -3.32 4.55 -32.41
C PRO A 279 -3.50 5.01 -33.84
N THR A 280 -3.93 6.26 -33.98
CA THR A 280 -4.05 6.89 -35.29
C THR A 280 -2.66 7.29 -35.86
N GLN A 281 -2.58 7.47 -37.18
CA GLN A 281 -1.38 8.09 -37.77
C GLN A 281 -1.05 9.46 -37.17
N GLN A 282 -2.08 10.27 -36.89
CA GLN A 282 -1.84 11.61 -36.40
C GLN A 282 -1.10 11.57 -35.08
N ILE A 283 -1.52 10.66 -34.18
CA ILE A 283 -0.87 10.60 -32.89
C ILE A 283 0.55 10.03 -33.04
N ASP A 285 2.48 10.54 -35.56
CA ASP A 285 3.26 11.65 -36.11
C ASP A 285 3.71 12.58 -34.95
N ILE A 286 2.81 12.82 -33.99
CA ILE A 286 3.15 13.63 -32.83
C ILE A 286 4.28 12.97 -31.99
N PHE A 287 4.16 11.67 -31.74
CA PHE A 287 5.18 10.93 -31.00
C PHE A 287 6.56 10.97 -31.67
N TRP A 288 6.58 10.89 -32.99
CA TRP A 288 7.82 10.78 -33.76
C TRP A 288 8.46 12.10 -34.10
N LYS A 289 7.74 13.22 -33.93
CA LYS A 289 8.19 14.48 -34.49
C LYS A 289 9.59 14.90 -34.02
N GLU A 290 9.82 14.79 -32.73
CA GLU A 290 11.05 15.25 -32.13
C GLU A 290 11.79 14.09 -31.51
N LYS A 291 12.99 13.87 -31.99
CA LYS A 291 13.82 12.82 -31.42
C LYS A 291 14.53 13.33 -30.18
N ASP A 292 15.06 12.39 -29.41
CA ASP A 292 15.66 12.70 -28.14
C ASP A 292 17.12 13.17 -28.30
N LYS A 293 17.77 13.46 -27.18
CA LYS A 293 19.15 13.97 -27.20
C LYS A 293 20.13 13.06 -27.93
N ASP A 294 19.82 11.77 -27.99
CA ASP A 294 20.68 10.78 -28.61
C ASP A 294 20.22 10.41 -29.99
N GLY A 295 19.21 11.10 -30.51
CA GLY A 295 18.72 10.79 -31.82
C GLY A 295 17.69 9.67 -31.89
N ASN A 296 17.28 9.13 -30.75
CA ASN A 296 16.33 8.02 -30.72
C ASN A 296 14.88 8.53 -30.58
N PHE A 297 13.93 7.63 -30.75
CA PHE A 297 12.54 8.03 -30.54
C PHE A 297 12.40 8.34 -29.05
N ASP A 298 11.60 9.36 -28.74
CA ASP A 298 11.19 9.69 -27.36
C ASP A 298 10.88 8.38 -26.59
N TYR A 299 11.53 8.18 -25.45
CA TYR A 299 11.22 7.00 -24.62
C TYR A 299 9.75 6.91 -24.25
N ARG A 300 9.08 8.04 -24.06
CA ARG A 300 7.63 8.00 -23.77
C ARG A 300 6.86 7.30 -24.88
N ALA A 301 7.15 7.66 -26.13
CA ALA A 301 6.55 6.98 -27.30
C ALA A 301 6.87 5.45 -27.21
N ARG A 302 8.10 5.08 -26.91
CA ARG A 302 8.51 3.66 -26.89
C ARG A 302 7.83 2.90 -25.75
N CYS A 303 7.46 3.60 -24.67
CA CYS A 303 6.65 3.03 -23.58
C CYS A 303 5.15 2.98 -23.84
N SER A 304 4.68 3.76 -24.83
CA SER A 304 3.27 3.96 -25.08
C SER A 304 2.65 3.20 -26.26
N VAL A 305 3.45 3.00 -27.32
CA VAL A 305 3.02 2.35 -28.54
CA VAL A 305 3.01 2.38 -28.53
C VAL A 305 4.12 1.46 -29.11
N ALA A 306 3.70 0.40 -29.82
CA ALA A 306 4.59 -0.49 -30.56
C ALA A 306 4.33 -0.19 -32.04
N TRP A 307 5.43 -0.06 -32.78
CA TRP A 307 5.39 0.07 -34.21
C TRP A 307 6.70 -0.50 -34.78
N ASP A 308 6.80 -0.51 -36.11
CA ASP A 308 7.96 -1.12 -36.78
C ASP A 308 9.20 -0.24 -36.74
N TYR A 309 9.94 -0.30 -35.65
CA TYR A 309 11.24 0.34 -35.52
C TYR A 309 12.20 -0.70 -34.97
N GLU A 310 13.50 -0.46 -35.09
CA GLU A 310 14.50 -1.46 -34.75
C GLU A 310 14.46 -1.70 -33.25
N GLY A 311 14.33 -2.96 -32.88
CA GLY A 311 14.30 -3.33 -31.46
C GLY A 311 12.98 -3.20 -30.73
N CYS A 312 11.91 -2.80 -31.42
CA CYS A 312 10.58 -2.83 -30.86
C CYS A 312 10.21 -4.27 -30.47
N THR A 313 9.79 -4.43 -29.22
CA THR A 313 9.32 -5.73 -28.74
C THR A 313 7.86 -5.58 -28.36
N TYR A 314 7.18 -6.72 -28.44
CA TYR A 314 5.76 -6.76 -28.18
C TYR A 314 5.47 -8.09 -27.52
N TYR A 315 5.09 -8.05 -26.25
CA TYR A 315 4.81 -9.30 -25.50
C TYR A 315 5.99 -10.25 -25.59
N GLN A 316 7.18 -9.67 -25.43
CA GLN A 316 8.43 -10.36 -25.28
C GLN A 316 8.93 -11.07 -26.55
N ARG A 317 8.44 -10.63 -27.69
CA ARG A 317 8.97 -11.03 -29.00
C ARG A 317 9.21 -9.80 -29.87
N PRO A 318 10.14 -9.91 -30.84
CA PRO A 318 10.30 -8.81 -31.80
C PRO A 318 9.02 -8.52 -32.55
N PHE A 319 8.72 -7.23 -32.73
CA PHE A 319 7.53 -6.76 -33.45
C PHE A 319 7.33 -7.49 -34.79
N ARG A 320 8.40 -7.59 -35.57
CA ARG A 320 8.29 -8.19 -36.91
C ARG A 320 8.12 -9.71 -36.86
N GLU A 321 8.38 -10.32 -35.70
CA GLU A 321 8.08 -11.75 -35.52
C GLU A 321 6.63 -11.99 -35.05
N VAL A 322 6.10 -11.11 -34.21
CA VAL A 322 4.72 -11.23 -33.76
C VAL A 322 3.75 -11.02 -34.92
N PHE A 323 4.02 -10.00 -35.73
CA PHE A 323 3.11 -9.59 -36.79
C PHE A 323 3.63 -10.02 -38.13
N ALA A 324 2.72 -10.52 -38.95
CA ALA A 324 3.03 -10.82 -40.33
C ALA A 324 3.43 -9.56 -41.04
N GLN A 325 4.16 -9.74 -42.13
CA GLN A 325 4.67 -8.61 -42.91
CA GLN A 325 4.67 -8.61 -42.90
C GLN A 325 3.56 -7.64 -43.33
N ASP A 326 2.39 -8.19 -43.66
CA ASP A 326 1.23 -7.33 -44.05
C ASP A 326 0.70 -6.49 -42.90
N LYS A 327 1.10 -6.82 -41.68
CA LYS A 327 0.75 -6.01 -40.53
C LYS A 327 1.92 -5.21 -39.91
N TRP A 328 3.08 -5.14 -40.56
CA TRP A 328 4.20 -4.39 -40.00
C TRP A 328 3.94 -2.87 -39.88
N LYS A 329 2.98 -2.36 -40.64
CA LYS A 329 2.69 -0.91 -40.64
C LYS A 329 1.61 -0.52 -39.61
N THR A 330 1.20 -1.48 -38.80
CA THR A 330 0.17 -1.22 -37.78
C THR A 330 0.80 -0.69 -36.49
N TYR A 331 -0.07 -0.15 -35.64
CA TYR A 331 0.32 0.52 -34.40
C TYR A 331 -0.46 -0.12 -33.27
N TRP A 332 0.16 -0.31 -32.11
CA TRP A 332 -0.48 -1.02 -30.96
C TRP A 332 -0.23 -0.27 -29.65
N ILE A 333 -1.23 -0.23 -28.79
CA ILE A 333 -1.07 0.44 -27.49
C ILE A 333 -0.27 -0.44 -26.54
N LEU A 334 0.71 0.16 -25.84
CA LEU A 334 1.45 -0.45 -24.77
C LEU A 334 1.11 0.06 -23.37
N LYS A 335 0.73 1.33 -23.24
CA LYS A 335 0.50 1.86 -21.91
C LYS A 335 -0.62 1.08 -21.24
N TYR A 336 -0.35 0.63 -20.02
CA TYR A 336 -1.29 -0.10 -19.14
C TYR A 336 -1.50 -1.54 -19.59
N GLN A 337 -0.60 -2.00 -20.42
CA GLN A 337 -0.62 -3.38 -20.93
C GLN A 337 0.47 -4.18 -20.26
N ASN A 338 0.34 -5.50 -20.34
CA ASN A 338 1.33 -6.40 -19.78
C ASN A 338 2.32 -6.80 -20.88
N TRP A 339 2.65 -5.82 -21.74
CA TRP A 339 3.39 -6.06 -22.97
C TRP A 339 4.84 -6.41 -22.75
N LYS A 340 5.37 -6.09 -21.57
CA LYS A 340 6.73 -6.57 -21.30
C LYS A 340 6.88 -7.53 -20.14
N THR A 341 5.85 -7.70 -19.31
CA THR A 341 5.93 -8.66 -18.23
C THR A 341 5.42 -10.04 -18.67
N GLN A 342 4.65 -10.08 -19.77
CA GLN A 342 3.93 -11.29 -20.19
C GLN A 342 4.05 -11.52 -21.69
N LYS A 343 3.70 -12.73 -22.12
CA LYS A 343 3.68 -13.09 -23.52
C LYS A 343 2.25 -13.07 -24.12
N ASP A 344 1.27 -12.87 -23.24
CA ASP A 344 -0.15 -12.87 -23.58
C ASP A 344 -0.93 -12.07 -22.56
N GLU A 345 -2.23 -11.92 -22.81
CA GLU A 345 -3.18 -11.32 -21.88
C GLU A 345 -4.25 -12.35 -21.57
N PRO A 346 -4.00 -13.16 -20.55
CA PRO A 346 -5.01 -14.16 -20.23
C PRO A 346 -6.24 -13.61 -19.53
N ALA A 347 -7.29 -14.42 -19.51
CA ALA A 347 -8.54 -14.05 -18.92
C ALA A 347 -8.93 -15.21 -18.01
N PRO A 348 -9.10 -14.98 -16.70
CA PRO A 348 -8.99 -13.70 -16.04
C PRO A 348 -7.53 -13.23 -15.92
N PRO A 349 -7.33 -11.97 -15.59
CA PRO A 349 -5.99 -11.40 -15.51
C PRO A 349 -5.21 -11.91 -14.31
N LYS A 350 -3.89 -11.94 -14.41
CA LYS A 350 -3.07 -12.51 -13.34
C LYS A 350 -2.69 -11.48 -12.28
N SER A 351 -2.75 -10.21 -12.69
CA SER A 351 -2.40 -9.11 -11.84
C SER A 351 -3.13 -7.91 -12.36
N PHE A 352 -3.07 -6.85 -11.56
CA PHE A 352 -3.75 -5.59 -11.87
C PHE A 352 -2.79 -4.40 -11.77
N ILE A 353 -2.89 -3.52 -12.76
CA ILE A 353 -2.05 -2.34 -12.85
C ILE A 353 -2.90 -1.14 -12.43
N ASN A 354 -2.61 -0.56 -11.26
CA ASN A 354 -3.43 0.54 -10.71
C ASN A 354 -3.53 1.65 -11.73
N GLU A 355 -4.72 2.26 -11.80
CA GLU A 355 -4.91 3.48 -12.57
C GLU A 355 -4.34 4.66 -11.79
N ARG A 356 -3.34 5.31 -12.38
CA ARG A 356 -2.72 6.52 -11.79
C ARG A 356 -3.60 7.73 -12.14
N ALA A 357 -4.55 8.08 -11.26
CA ALA A 357 -5.52 9.11 -11.56
C ALA A 357 -4.90 10.51 -11.57
N ILE A 358 -3.89 10.73 -10.72
CA ILE A 358 -3.18 11.99 -10.65
C ILE A 358 -1.74 11.63 -10.38
N ARG A 359 -0.83 12.18 -11.19
CA ARG A 359 0.61 12.01 -10.92
C ARG A 359 1.35 13.34 -11.08
N TYR A 360 2.57 13.40 -10.56
CA TYR A 360 3.23 14.67 -10.45
C TYR A 360 3.50 15.37 -11.78
N ALA A 361 3.65 14.63 -12.88
CA ALA A 361 3.77 15.25 -14.20
C ALA A 361 2.61 16.19 -14.46
N ASP A 362 1.43 15.82 -13.99
CA ASP A 362 0.20 16.63 -14.16
C ASP A 362 0.41 18.00 -13.44
N VAL A 363 0.96 18.00 -12.22
CA VAL A 363 1.21 19.22 -11.48
C VAL A 363 2.20 20.10 -12.24
N LEU A 364 3.29 19.52 -12.74
CA LEU A 364 4.29 20.28 -13.47
C LEU A 364 3.72 20.91 -14.74
N LEU A 365 2.97 20.11 -15.54
CA LEU A 365 2.42 20.67 -16.79
C LEU A 365 1.26 21.65 -16.51
N LEU A 367 1.20 23.73 -13.88
CA LEU A 367 1.97 24.92 -13.58
C LEU A 367 2.53 25.57 -14.85
N ALA A 368 3.09 24.78 -15.75
CA ALA A 368 3.59 25.33 -17.03
C ALA A 368 2.47 26.13 -17.67
N GLU A 369 1.29 25.53 -17.73
CA GLU A 369 0.18 26.18 -18.40
C GLU A 369 -0.26 27.44 -17.70
N ALA A 370 -0.38 27.39 -16.36
CA ALA A 370 -0.80 28.57 -15.59
C ALA A 370 0.23 29.70 -15.69
N TYR A 371 1.50 29.38 -15.56
CA TYR A 371 2.52 30.42 -15.68
C TYR A 371 2.57 31.02 -17.11
N ASN A 373 0.03 31.31 -19.23
CA ASN A 373 -1.12 32.16 -19.40
C ASN A 373 -1.01 33.45 -18.61
N LYS A 374 -0.39 33.40 -17.43
CA LYS A 374 -0.19 34.62 -16.62
C LYS A 374 0.94 35.50 -17.16
N GLY A 375 1.84 34.93 -17.96
CA GLY A 375 2.96 35.71 -18.53
C GLY A 375 4.31 35.54 -17.87
N ALA A 376 4.55 34.46 -17.16
CA ALA A 376 5.87 34.11 -16.65
C ALA A 376 6.38 33.03 -17.61
N LEU A 377 6.88 33.46 -18.77
CA LEU A 377 7.28 32.46 -19.78
C LEU A 377 8.51 31.66 -19.39
N ASP A 378 9.50 32.29 -18.78
CA ASP A 378 10.66 31.58 -18.33
C ASP A 378 10.33 30.52 -17.30
N THR A 379 9.52 30.90 -16.31
CA THR A 379 9.03 29.96 -15.33
C THR A 379 8.30 28.78 -15.98
N SER A 380 7.42 29.07 -16.92
CA SER A 380 6.66 28.07 -17.63
C SER A 380 7.56 27.10 -18.36
N ILE A 381 8.54 27.66 -19.06
CA ILE A 381 9.55 26.87 -19.76
C ILE A 381 10.34 25.99 -18.81
N GLY A 382 10.66 26.48 -17.62
CA GLY A 382 11.29 25.67 -16.63
C GLY A 382 10.52 24.39 -16.30
N TYR A 383 9.22 24.53 -16.14
CA TYR A 383 8.33 23.38 -15.85
C TYR A 383 8.27 22.41 -17.05
N ILE A 384 8.12 22.96 -18.24
CA ILE A 384 8.17 22.13 -19.45
C ILE A 384 9.48 21.42 -19.55
N ASN A 385 10.57 22.10 -19.25
CA ASN A 385 11.87 21.44 -19.30
C ASN A 385 12.06 20.32 -18.28
N GLN A 386 11.39 20.38 -17.13
CA GLN A 386 11.47 19.24 -16.22
C GLN A 386 10.93 17.97 -16.91
N ILE A 387 9.83 18.13 -17.65
CA ILE A 387 9.17 17.06 -18.39
C ILE A 387 10.06 16.58 -19.53
N ARG A 388 10.60 17.54 -20.29
CA ARG A 388 11.50 17.22 -21.41
C ARG A 388 12.74 16.46 -20.92
N ARG A 389 13.32 16.92 -19.82
CA ARG A 389 14.55 16.33 -19.30
C ARG A 389 14.31 14.90 -18.81
N ARG A 390 13.15 14.65 -18.21
CA ARG A 390 12.86 13.27 -17.77
C ARG A 390 12.81 12.33 -19.00
N ALA A 391 12.28 12.84 -20.10
CA ALA A 391 12.17 12.10 -21.36
C ALA A 391 13.46 12.13 -22.22
N ASN A 392 14.57 12.65 -21.68
CA ASN A 392 15.86 12.71 -22.37
C ASN A 392 15.80 13.54 -23.65
N LEU A 393 14.92 14.53 -23.67
CA LEU A 393 14.84 15.46 -24.83
C LEU A 393 15.74 16.66 -24.58
N ASN A 394 16.11 17.34 -25.66
CA ASN A 394 16.59 18.70 -25.51
C ASN A 394 15.57 19.58 -24.80
N ASP A 395 16.04 20.66 -24.27
CA ASP A 395 15.14 21.67 -23.68
C ASP A 395 14.29 22.33 -24.78
N TYR A 396 13.26 23.03 -24.33
CA TYR A 396 12.40 23.79 -25.20
C TYR A 396 13.19 24.76 -26.08
N SER A 397 13.02 24.68 -27.38
CA SER A 397 13.78 25.51 -28.33
C SER A 397 12.88 26.42 -29.18
N GLY A 398 11.59 26.48 -28.86
CA GLY A 398 10.67 27.41 -29.53
C GLY A 398 10.87 28.86 -29.11
N PRO A 399 10.11 29.76 -29.70
CA PRO A 399 10.29 31.17 -29.38
C PRO A 399 9.85 31.47 -27.96
N ILE A 400 10.47 32.48 -27.36
CA ILE A 400 10.06 32.87 -26.01
C ILE A 400 8.85 33.78 -26.18
N THR A 401 7.70 33.14 -26.49
CA THR A 401 6.42 33.80 -26.69
C THR A 401 5.29 32.89 -26.16
N LYS A 402 4.14 33.48 -25.85
CA LYS A 402 2.99 32.72 -25.38
C LYS A 402 2.65 31.63 -26.39
N GLU A 403 2.60 31.98 -27.66
CA GLU A 403 2.21 31.05 -28.72
C GLU A 403 3.22 29.88 -28.86
N GLY A 404 4.50 30.21 -28.72
CA GLY A 404 5.54 29.19 -28.81
C GLY A 404 5.42 28.18 -27.68
N VAL A 405 5.29 28.73 -26.48
CA VAL A 405 5.29 27.92 -25.31
C VAL A 405 3.98 27.09 -25.31
N PHE A 406 2.88 27.66 -25.79
CA PHE A 406 1.61 26.91 -25.88
C PHE A 406 1.75 25.74 -26.84
N GLU A 407 2.43 25.96 -27.97
CA GLU A 407 2.64 24.87 -28.93
C GLU A 407 3.36 23.68 -28.25
N ASP A 408 4.36 23.93 -27.43
CA ASP A 408 5.05 22.81 -26.80
C ASP A 408 4.30 22.25 -25.60
N LEU A 409 3.54 23.09 -24.90
CA LEU A 409 2.62 22.60 -23.84
C LEU A 409 1.69 21.52 -24.43
N VAL A 410 1.03 21.87 -25.52
CA VAL A 410 0.11 20.96 -26.16
C VAL A 410 0.84 19.65 -26.54
N HIS A 411 2.01 19.83 -27.16
CA HIS A 411 2.82 18.70 -27.64
C HIS A 411 3.27 17.78 -26.50
N GLN A 412 3.78 18.38 -25.43
CA GLN A 412 4.21 17.58 -24.27
C GLN A 412 3.05 16.88 -23.58
N ARG A 413 1.91 17.53 -23.44
CA ARG A 413 0.72 16.86 -22.85
C ARG A 413 0.22 15.69 -23.67
N ALA A 414 0.30 15.83 -24.99
CA ALA A 414 -0.15 14.77 -25.91
C ALA A 414 0.71 13.54 -25.72
N ILE A 415 2.01 13.75 -25.55
CA ILE A 415 2.94 12.66 -25.45
C ILE A 415 2.91 12.10 -24.04
N GLU A 416 2.87 13.00 -23.05
CA GLU A 416 3.01 12.61 -21.65
C GLU A 416 1.81 11.77 -21.21
N PHE A 417 0.62 12.19 -21.63
CA PHE A 417 -0.62 11.60 -21.10
C PHE A 417 -1.43 10.80 -22.11
N PHE A 418 -0.76 10.27 -23.14
CA PHE A 418 -1.41 9.40 -24.10
C PHE A 418 -2.25 8.31 -23.41
N VAL A 419 -3.50 8.18 -23.90
CA VAL A 419 -4.53 7.26 -23.40
C VAL A 419 -4.73 7.29 -21.89
N GLU A 420 -4.46 8.44 -21.27
CA GLU A 420 -4.80 8.64 -19.83
C GLU A 420 -6.07 9.52 -19.64
N GLY A 421 -6.76 9.83 -20.74
CA GLY A 421 -8.07 10.49 -20.71
C GLY A 421 -8.00 12.01 -20.57
N GLU A 422 -6.91 12.61 -21.06
CA GLU A 422 -6.70 14.05 -21.01
C GLU A 422 -6.89 14.75 -22.37
N ARG A 423 -6.41 14.11 -23.43
CA ARG A 423 -6.31 14.74 -24.75
C ARG A 423 -7.63 15.37 -25.26
N PHE A 424 -8.76 14.62 -25.20
CA PHE A 424 -10.02 15.17 -25.65
C PHE A 424 -10.40 16.42 -24.87
N TYR A 425 -10.24 16.38 -23.55
CA TYR A 425 -10.74 17.45 -22.69
C TYR A 425 -9.82 18.67 -22.84
N ASP A 426 -8.55 18.39 -23.03
CA ASP A 426 -7.57 19.43 -23.30
C ASP A 426 -7.90 20.16 -24.62
N LEU A 427 -8.03 19.40 -25.71
CA LEU A 427 -8.36 19.96 -27.00
C LEU A 427 -9.65 20.77 -26.89
N ARG A 428 -10.61 20.22 -26.16
CA ARG A 428 -11.88 20.90 -25.96
C ARG A 428 -11.74 22.28 -25.25
N ARG A 429 -11.12 22.25 -24.08
CA ARG A 429 -10.95 23.49 -23.32
C ARG A 429 -10.04 24.54 -23.99
N TRP A 430 -9.15 24.06 -24.85
CA TRP A 430 -8.26 24.94 -25.56
C TRP A 430 -8.88 25.47 -26.84
N GLY A 431 -10.04 24.94 -27.24
CA GLY A 431 -10.65 25.33 -28.54
C GLY A 431 -9.88 24.84 -29.74
N LEU A 432 -9.19 23.71 -29.58
CA LEU A 432 -8.38 23.09 -30.64
C LEU A 432 -9.03 21.81 -31.21
N LEU A 433 -10.13 21.38 -30.65
CA LEU A 433 -10.70 20.09 -31.01
C LEU A 433 -11.13 20.01 -32.48
N GLU A 434 -11.82 21.05 -32.93
CA GLU A 434 -12.39 21.01 -34.26
C GLU A 434 -11.26 20.90 -35.27
N GLN A 435 -10.22 21.72 -35.13
CA GLN A 435 -9.13 21.69 -36.12
C GLN A 435 -8.29 20.40 -36.02
N THR A 436 -8.18 19.84 -34.82
CA THR A 436 -7.41 18.62 -34.60
C THR A 436 -8.13 17.41 -35.21
N LEU A 437 -9.45 17.36 -35.08
CA LEU A 437 -10.23 16.32 -35.76
C LEU A 437 -10.21 16.51 -37.26
N LYS A 438 -10.19 17.77 -37.71
CA LYS A 438 -10.17 18.04 -39.16
C LYS A 438 -9.00 17.37 -39.85
N THR A 439 -7.81 17.42 -39.25
CA THR A 439 -6.61 16.84 -39.85
C THR A 439 -6.47 15.34 -39.61
N CYS A 440 -7.32 14.77 -38.79
CA CYS A 440 -7.14 13.41 -38.33
C CYS A 440 -7.86 12.38 -39.21
N ASP A 441 -9.14 12.63 -39.53
CA ASP A 441 -9.92 11.73 -40.36
C ASP A 441 -11.08 12.49 -40.96
N ASP A 442 -11.24 12.41 -42.29
CA ASP A 442 -12.28 13.14 -42.96
C ASP A 442 -13.66 12.75 -42.51
N THR A 443 -13.88 11.46 -42.27
CA THR A 443 -15.25 10.97 -41.95
C THR A 443 -15.62 11.28 -40.51
N ARG A 444 -14.71 11.03 -39.57
CA ARG A 444 -14.95 11.46 -38.19
C ARG A 444 -15.20 12.98 -38.15
N TYR A 445 -14.44 13.77 -38.90
CA TYR A 445 -14.60 15.20 -38.92
C TYR A 445 -15.98 15.58 -39.47
N LYS A 446 -16.35 14.95 -40.59
CA LYS A 446 -17.66 15.19 -41.18
C LYS A 446 -18.77 14.95 -40.16
N ASN A 447 -18.68 13.82 -39.46
CA ASN A 447 -19.71 13.47 -38.45
C ASN A 447 -19.69 14.49 -37.32
N TYR A 448 -18.49 14.85 -36.82
CA TYR A 448 -18.37 15.81 -35.76
C TYR A 448 -19.00 17.16 -36.12
N GLN A 449 -18.85 17.55 -37.37
CA GLN A 449 -19.33 18.86 -37.79
C GLN A 449 -20.85 18.94 -37.87
N THR A 450 -21.52 17.80 -37.96
CA THR A 450 -22.97 17.77 -37.92
C THR A 450 -23.49 18.25 -36.58
N GLY A 451 -22.67 18.14 -35.53
CA GLY A 451 -23.04 18.59 -34.19
C GLY A 451 -22.97 20.09 -33.99
N LYS A 452 -22.36 20.80 -34.94
CA LYS A 452 -22.19 22.26 -34.82
C LYS A 452 -23.55 22.94 -34.88
N SER A 453 -23.93 23.67 -33.85
CA SER A 453 -25.14 24.51 -33.98
C SER A 453 -25.08 25.66 -33.03
N ASP A 454 -25.59 26.81 -33.48
CA ASP A 454 -25.31 28.04 -32.77
C ASP A 454 -23.79 28.09 -32.56
N ASN A 455 -23.32 28.63 -31.44
CA ASN A 455 -21.88 28.73 -31.17
C ASN A 455 -21.30 27.54 -30.40
N ILE A 456 -21.94 26.37 -30.49
CA ILE A 456 -21.45 25.19 -29.75
C ILE A 456 -21.39 23.96 -30.68
N ASN A 457 -20.88 22.85 -30.15
CA ASN A 457 -20.97 21.57 -30.83
C ASN A 457 -21.52 20.56 -29.83
N LYS A 458 -22.59 19.89 -30.21
CA LYS A 458 -23.30 18.97 -29.32
C LYS A 458 -22.42 17.81 -28.88
N PHE A 459 -21.44 17.45 -29.72
CA PHE A 459 -20.53 16.37 -29.41
C PHE A 459 -19.43 16.75 -28.47
N ASN A 460 -19.39 17.99 -28.03
CA ASN A 460 -18.33 18.37 -27.07
C ASN A 460 -18.55 17.79 -25.67
N TYR A 461 -19.80 17.45 -25.34
CA TYR A 461 -20.15 16.86 -24.05
C TYR A 461 -21.10 15.72 -24.33
N PHE A 462 -21.11 14.65 -23.51
CA PHE A 462 -22.16 13.65 -23.60
C PHE A 462 -23.50 14.24 -23.19
N PRO A 463 -24.56 13.85 -23.90
CA PRO A 463 -25.87 14.43 -23.56
C PRO A 463 -26.45 13.83 -22.28
N ILE A 464 -27.27 14.61 -21.60
CA ILE A 464 -28.11 14.05 -20.56
C ILE A 464 -28.84 12.84 -21.18
N PRO A 465 -28.79 11.65 -20.55
CA PRO A 465 -29.47 10.51 -21.16
C PRO A 465 -30.99 10.67 -21.31
N ALA A 466 -31.51 10.11 -22.39
CA ALA A 466 -32.98 10.05 -22.61
C ALA A 466 -33.71 9.53 -21.36
N LYS A 467 -33.13 8.52 -20.71
CA LYS A 467 -33.74 7.96 -19.49
C LYS A 467 -33.93 9.00 -18.38
N GLU A 468 -32.94 9.86 -18.20
CA GLU A 468 -33.05 10.93 -17.21
C GLU A 468 -34.11 11.99 -17.60
N LEU A 469 -34.15 12.34 -18.87
CA LEU A 469 -35.13 13.33 -19.33
C LEU A 469 -36.53 12.75 -19.12
N ASP A 470 -36.67 11.44 -19.23
CA ASP A 470 -37.98 10.83 -19.07
CA ASP A 470 -37.99 10.83 -19.06
C ASP A 470 -38.38 10.77 -17.59
N THR A 471 -37.43 10.41 -16.74
CA THR A 471 -37.73 10.24 -15.34
C THR A 471 -37.74 11.56 -14.58
N ASN A 472 -37.06 12.60 -15.09
CA ASN A 472 -36.89 13.89 -14.40
C ASN A 472 -37.42 15.05 -15.25
N PRO A 473 -38.70 15.33 -15.13
CA PRO A 473 -39.27 16.31 -16.06
C PRO A 473 -38.77 17.77 -15.90
N LEU A 474 -38.05 18.09 -14.81
CA LEU A 474 -37.48 19.44 -14.63
C LEU A 474 -36.15 19.60 -15.34
N CYS A 475 -35.58 18.49 -15.78
CA CYS A 475 -34.32 18.51 -16.48
C CYS A 475 -34.50 18.81 -17.96
N THR A 476 -33.90 19.89 -18.45
CA THR A 476 -33.98 20.18 -19.87
C THR A 476 -32.86 19.38 -20.62
N PRO A 477 -33.07 19.09 -21.91
CA PRO A 477 -32.03 18.37 -22.62
C PRO A 477 -30.72 19.16 -22.76
N SER A 478 -29.65 18.46 -23.03
CA SER A 478 -28.39 19.14 -23.32
C SER A 478 -28.53 20.01 -24.55
N GLU A 479 -27.77 21.08 -24.59
CA GLU A 479 -27.85 22.02 -25.69
C GLU A 479 -27.37 21.31 -26.90
N GLY A 480 -28.13 21.45 -27.98
CA GLY A 480 -27.85 20.75 -29.25
C GLY A 480 -28.45 19.38 -29.44
N TRP A 481 -29.02 18.86 -28.35
CA TRP A 481 -29.59 17.53 -28.31
C TRP A 481 -31.10 17.65 -28.13
N THR B 5 0.91 -24.34 -17.28
CA THR B 5 1.80 -24.49 -16.11
C THR B 5 2.35 -23.09 -15.76
N PHE B 6 3.17 -23.07 -14.73
CA PHE B 6 3.59 -21.84 -14.07
CA PHE B 6 3.58 -21.82 -14.10
C PHE B 6 5.00 -21.40 -14.55
N TRP B 7 5.53 -20.39 -13.91
CA TRP B 7 6.90 -19.95 -14.12
C TRP B 7 7.19 -19.49 -15.55
N LYS B 8 6.16 -18.94 -16.17
CA LYS B 8 6.18 -18.61 -17.60
C LYS B 8 6.73 -17.20 -17.89
N ASP B 9 6.59 -16.29 -16.95
CA ASP B 9 6.82 -14.87 -17.19
C ASP B 9 7.09 -14.11 -15.88
N GLU B 10 7.25 -12.78 -15.98
CA GLU B 10 7.61 -11.98 -14.80
C GLU B 10 6.47 -12.01 -13.77
N THR B 11 5.24 -11.94 -14.24
CA THR B 11 4.09 -11.96 -13.37
C THR B 11 4.05 -13.22 -12.55
N ASP B 12 4.30 -14.38 -13.18
CA ASP B 12 4.26 -15.63 -12.41
C ASP B 12 5.30 -15.64 -11.31
N PHE B 13 6.49 -15.15 -11.59
CA PHE B 13 7.52 -15.05 -10.56
C PHE B 13 7.12 -14.10 -9.45
N ASN B 14 6.51 -12.98 -9.81
CA ASN B 14 6.08 -12.03 -8.81
C ASN B 14 5.01 -12.65 -7.91
N LEU B 15 4.10 -13.38 -8.50
CA LEU B 15 3.05 -14.10 -7.77
C LEU B 15 3.64 -15.12 -6.80
N ALA B 16 4.67 -15.83 -7.26
CA ALA B 16 5.33 -16.82 -6.44
C ALA B 16 6.01 -16.15 -5.24
N LEU B 17 6.66 -15.00 -5.47
CA LEU B 17 7.27 -14.30 -4.36
C LEU B 17 6.24 -13.90 -3.30
N THR B 18 5.09 -13.39 -3.70
CA THR B 18 4.14 -12.98 -2.68
C THR B 18 3.65 -14.18 -1.86
N SER B 19 3.58 -15.37 -2.48
CA SER B 19 3.18 -16.59 -1.81
C SER B 19 4.18 -17.05 -0.75
N CYS B 20 5.40 -16.57 -0.81
CA CYS B 20 6.42 -16.93 0.18
C CYS B 20 6.14 -16.38 1.56
N TYR B 21 5.34 -15.31 1.65
CA TYR B 21 5.00 -14.72 2.96
C TYR B 21 3.82 -15.41 3.61
N THR B 22 3.08 -16.25 2.88
CA THR B 22 1.88 -16.91 3.45
C THR B 22 2.13 -17.76 4.69
N PRO B 23 3.27 -18.46 4.76
CA PRO B 23 3.54 -19.13 6.04
C PRO B 23 3.71 -18.23 7.29
N LEU B 24 4.11 -16.99 7.13
CA LEU B 24 4.18 -16.03 8.25
C LEU B 24 2.79 -15.64 8.68
N LYS B 25 1.78 -15.81 7.82
CA LYS B 25 0.45 -15.30 8.09
C LYS B 25 -0.55 -16.39 8.51
N ASN B 26 -0.15 -17.66 8.46
CA ASN B 26 -0.97 -18.78 8.88
C ASN B 26 -1.53 -18.56 10.28
N ALA B 27 -2.83 -18.70 10.46
CA ALA B 27 -3.48 -18.36 11.72
C ALA B 27 -3.35 -19.40 12.84
N LEU B 28 -3.78 -20.62 12.55
CA LEU B 28 -3.98 -21.60 13.63
C LEU B 28 -2.87 -22.62 13.73
N ASN B 29 -1.94 -22.62 12.79
CA ASN B 29 -0.94 -23.67 12.75
C ASN B 29 0.48 -23.18 12.98
N GLY B 30 0.65 -22.04 13.62
CA GLY B 30 2.00 -21.62 14.04
C GLY B 30 2.72 -20.70 13.10
N GLY B 31 2.06 -20.18 12.05
CA GLY B 31 2.56 -19.05 11.28
C GLY B 31 3.06 -17.96 12.18
N TYR B 32 4.24 -17.42 11.92
CA TYR B 32 4.93 -16.61 12.90
C TYR B 32 4.16 -15.35 13.37
N TYR B 33 3.43 -14.70 12.46
CA TYR B 33 2.70 -13.48 12.74
C TYR B 33 1.17 -13.71 12.71
N GLY B 34 0.76 -14.96 12.58
CA GLY B 34 -0.60 -15.36 12.80
C GLY B 34 -0.95 -15.48 14.27
N THR B 35 -2.25 -15.59 14.56
CA THR B 35 -2.64 -15.49 16.00
C THR B 35 -1.92 -16.51 16.89
N ARG B 36 -1.80 -17.77 16.47
CA ARG B 36 -1.16 -18.77 17.37
C ARG B 36 0.33 -18.52 17.48
N GLY B 37 0.95 -18.06 16.40
CA GLY B 37 2.39 -17.74 16.47
C GLY B 37 2.67 -16.60 17.40
N VAL B 38 1.85 -15.57 17.30
CA VAL B 38 1.93 -14.44 18.23
C VAL B 38 1.83 -14.94 19.69
N LEU B 40 2.62 -17.92 20.94
CA LEU B 40 3.83 -18.65 21.26
C LEU B 40 4.97 -17.66 21.53
N ARG B 41 5.03 -16.59 20.75
CA ARG B 41 6.12 -15.60 20.87
C ARG B 41 6.00 -14.71 22.13
N ILE B 42 4.80 -14.46 22.62
CA ILE B 42 4.62 -13.64 23.83
C ILE B 42 4.49 -14.48 25.09
N ALA B 43 4.29 -15.80 24.98
CA ALA B 43 3.93 -16.59 26.14
C ALA B 43 5.02 -16.80 27.18
N ARG B 44 6.31 -16.80 26.80
CA ARG B 44 7.31 -17.37 27.68
C ARG B 44 8.03 -16.41 28.58
N ALA B 45 7.74 -15.11 28.47
CA ALA B 45 8.41 -14.16 29.35
C ALA B 45 7.51 -13.81 30.51
N ASP B 46 7.68 -12.60 31.04
CA ASP B 46 6.92 -12.05 32.14
C ASP B 46 5.86 -11.08 31.67
N GLU B 47 5.52 -11.05 30.38
CA GLU B 47 4.52 -10.11 29.93
C GLU B 47 3.07 -10.52 30.32
N VAL B 48 2.73 -11.78 30.11
CA VAL B 48 1.33 -12.22 30.20
C VAL B 48 1.19 -13.61 30.82
N ASP B 49 0.06 -13.79 31.47
CA ASP B 49 -0.50 -15.09 31.85
C ASP B 49 -1.58 -15.49 30.87
N PHE B 50 -1.48 -16.67 30.31
CA PHE B 50 -2.54 -17.26 29.44
C PHE B 50 -3.48 -18.10 30.28
N ARG B 51 -4.75 -18.06 29.94
CA ARG B 51 -5.66 -18.98 30.57
C ARG B 51 -5.56 -20.35 29.87
N ASN B 52 -6.10 -21.37 30.52
CA ASN B 52 -6.03 -22.71 30.00
C ASN B 52 -7.24 -23.01 29.10
N ASP B 53 -7.29 -22.30 27.99
CA ASP B 53 -8.25 -22.57 26.89
C ASP B 53 -7.52 -23.25 25.74
N ILE B 54 -6.48 -22.60 25.19
CA ILE B 54 -5.71 -23.17 24.10
C ILE B 54 -4.56 -23.95 24.76
N SER B 55 -4.77 -25.24 24.97
CA SER B 55 -3.84 -26.01 25.77
CA SER B 55 -3.84 -26.08 25.72
C SER B 55 -2.40 -25.93 25.29
N ASP B 56 -2.18 -25.97 23.98
CA ASP B 56 -0.82 -25.96 23.44
C ASP B 56 -0.13 -24.62 23.69
N VAL B 57 -0.87 -23.53 23.83
CA VAL B 57 -0.29 -22.26 24.25
C VAL B 57 -0.10 -22.19 25.77
N TYR B 58 -1.09 -22.63 26.52
CA TYR B 58 -1.01 -22.67 28.00
C TYR B 58 0.24 -23.41 28.47
N THR B 59 0.50 -24.59 27.91
CA THR B 59 1.65 -25.33 28.36
C THR B 59 2.96 -24.60 28.08
N VAL B 60 3.05 -23.96 26.93
CA VAL B 60 4.20 -23.11 26.61
C VAL B 60 4.37 -21.98 27.67
N ASN B 61 3.27 -21.27 27.95
CA ASN B 61 3.26 -20.19 28.96
C ASN B 61 3.71 -20.73 30.31
N ARG B 62 3.30 -21.95 30.65
CA ARG B 62 3.56 -22.51 31.97
C ARG B 62 4.84 -23.37 32.07
N PHE B 63 5.55 -23.56 30.96
CA PHE B 63 6.72 -24.42 30.89
C PHE B 63 6.40 -25.85 31.29
N THR B 64 5.36 -26.39 30.67
CA THR B 64 5.01 -27.80 30.75
C THR B 64 4.80 -28.40 29.35
N ASN B 65 5.25 -27.68 28.32
CA ASN B 65 5.13 -28.21 26.96
C ASN B 65 6.06 -29.37 26.76
N SER B 66 5.68 -30.21 25.80
CA SER B 66 6.47 -31.37 25.39
C SER B 66 6.86 -31.28 23.91
N ASN B 67 7.66 -32.24 23.46
CA ASN B 67 8.09 -32.30 22.06
C ASN B 67 6.99 -32.75 21.11
N THR B 68 5.80 -33.03 21.61
CA THR B 68 4.66 -33.27 20.72
C THR B 68 3.71 -32.09 20.56
N ASN B 69 4.04 -30.98 21.19
CA ASN B 69 3.14 -29.80 21.09
C ASN B 69 2.84 -29.46 19.63
N SER B 70 1.56 -29.47 19.25
CA SER B 70 1.19 -29.34 17.85
CA SER B 70 1.16 -29.33 17.85
C SER B 70 1.46 -27.94 17.28
N LEU B 71 1.43 -26.94 18.14
CA LEU B 71 1.62 -25.57 17.71
C LEU B 71 3.12 -25.25 17.48
N THR B 72 3.99 -25.75 18.34
CA THR B 72 5.41 -25.54 18.11
C THR B 72 5.89 -26.41 16.92
N GLN B 73 5.31 -27.61 16.77
CA GLN B 73 5.50 -28.40 15.58
C GLN B 73 5.03 -27.63 14.33
N GLY B 74 3.83 -27.06 14.39
CA GLY B 74 3.34 -26.21 13.33
C GLY B 74 4.29 -25.10 12.95
N PHE B 76 7.50 -24.87 13.42
CA PHE B 76 8.68 -25.45 12.77
C PHE B 76 8.41 -25.73 11.29
N TYR B 77 7.28 -26.38 11.00
CA TYR B 77 7.05 -26.75 9.60
C TYR B 77 6.59 -25.61 8.73
N GLN B 78 5.98 -24.56 9.32
CA GLN B 78 5.67 -23.36 8.51
C GLN B 78 6.96 -22.73 8.01
N PHE B 79 8.00 -22.72 8.83
CA PHE B 79 9.31 -22.24 8.40
C PHE B 79 9.82 -23.08 7.21
N TYR B 80 9.69 -24.40 7.29
CA TYR B 80 10.19 -25.28 6.23
C TYR B 80 9.37 -25.13 4.94
N ASN B 81 8.08 -24.86 5.09
CA ASN B 81 7.19 -24.59 3.96
CA ASN B 81 7.25 -24.63 3.93
C ASN B 81 7.70 -23.36 3.22
N ALA B 82 7.98 -22.32 3.97
CA ALA B 82 8.48 -21.08 3.40
C ALA B 82 9.84 -21.27 2.73
N LEU B 83 10.74 -22.00 3.37
CA LEU B 83 12.03 -22.29 2.76
C LEU B 83 11.91 -23.06 1.44
N TYR B 84 10.98 -24.01 1.38
CA TYR B 84 10.73 -24.75 0.13
C TYR B 84 10.34 -23.76 -0.98
N ARG B 85 9.46 -22.82 -0.68
CA ARG B 85 8.97 -21.91 -1.69
C ARG B 85 10.10 -21.02 -2.15
N THR B 86 10.84 -20.45 -1.21
CA THR B 86 11.94 -19.56 -1.60
C THR B 86 13.05 -20.25 -2.39
N ASN B 87 13.46 -21.41 -1.91
CA ASN B 87 14.45 -22.23 -2.60
C ASN B 87 13.95 -22.57 -4.02
N SER B 88 12.67 -22.89 -4.13
CA SER B 88 12.10 -23.24 -5.44
C SER B 88 12.15 -22.09 -6.43
N ILE B 89 11.75 -20.93 -5.98
CA ILE B 89 11.88 -19.75 -6.82
C ILE B 89 13.33 -19.54 -7.31
N GLN B 91 15.72 -21.65 -7.67
CA GLN B 91 16.05 -22.74 -8.62
C GLN B 91 15.38 -22.50 -9.98
N LYS B 92 14.10 -22.17 -10.00
CA LYS B 92 13.42 -21.84 -11.25
C LYS B 92 13.98 -20.60 -11.94
N LEU B 93 14.34 -19.58 -11.17
CA LEU B 93 14.94 -18.38 -11.77
C LEU B 93 16.23 -18.73 -12.51
N GLU B 94 17.09 -19.54 -11.89
CA GLU B 94 18.34 -19.97 -12.53
C GLU B 94 18.08 -20.85 -13.76
N GLU B 95 17.15 -21.78 -13.64
CA GLU B 95 16.75 -22.62 -14.77
C GLU B 95 16.28 -21.75 -15.95
N LYS B 96 15.60 -20.65 -15.67
CA LYS B 96 14.97 -19.88 -16.73
C LYS B 96 15.61 -18.54 -16.97
N LYS B 97 16.81 -18.34 -16.44
CA LYS B 97 17.39 -17.01 -16.39
C LYS B 97 17.56 -16.39 -17.79
N GLU B 98 17.83 -17.23 -18.79
CA GLU B 98 18.03 -16.74 -20.15
C GLU B 98 16.78 -16.02 -20.71
N GLN B 99 15.58 -16.30 -20.17
CA GLN B 99 14.39 -15.59 -20.61
C GLN B 99 14.16 -14.26 -19.90
N PHE B 100 14.94 -13.96 -18.86
CA PHE B 100 14.72 -12.77 -18.06
C PHE B 100 15.88 -11.81 -18.11
N SER B 101 15.54 -10.53 -18.03
CA SER B 101 16.57 -9.49 -17.97
C SER B 101 17.41 -9.60 -16.69
N THR B 102 18.62 -9.08 -16.73
CA THR B 102 19.46 -9.06 -15.55
C THR B 102 18.76 -8.32 -14.44
N ASP B 103 18.14 -7.20 -14.78
CA ASP B 103 17.45 -6.37 -13.77
CA ASP B 103 17.44 -6.39 -13.80
C ASP B 103 16.31 -7.16 -13.10
N PHE B 104 15.51 -7.87 -13.90
CA PHE B 104 14.44 -8.65 -13.29
C PHE B 104 14.98 -9.79 -12.39
N GLN B 105 16.00 -10.49 -12.88
CA GLN B 105 16.66 -11.52 -12.09
C GLN B 105 17.11 -10.94 -10.75
N ASN B 106 17.71 -9.77 -10.78
CA ASN B 106 18.20 -9.15 -9.54
C ASN B 106 17.04 -8.80 -8.59
N SER B 107 15.94 -8.34 -9.14
CA SER B 107 14.81 -7.96 -8.29
C SER B 107 14.26 -9.20 -7.61
N VAL B 108 14.22 -10.31 -8.33
CA VAL B 108 13.68 -11.56 -7.79
C VAL B 108 14.61 -12.14 -6.72
N LYS B 109 15.90 -12.19 -7.02
CA LYS B 109 16.92 -12.65 -6.07
C LYS B 109 16.92 -11.81 -4.80
N GLY B 110 16.88 -10.50 -4.95
CA GLY B 110 16.88 -9.59 -3.81
C GLY B 110 15.73 -9.92 -2.87
N GLU B 111 14.54 -10.07 -3.43
CA GLU B 111 13.41 -10.30 -2.60
C GLU B 111 13.47 -11.70 -1.99
N CYS B 112 13.77 -12.69 -2.83
CA CYS B 112 13.80 -14.06 -2.38
CA CYS B 112 13.87 -14.11 -2.43
C CYS B 112 14.82 -14.31 -1.27
N LEU B 113 15.98 -13.68 -1.38
CA LEU B 113 17.01 -13.82 -0.36
C LEU B 113 16.62 -13.05 0.92
N PHE B 114 15.94 -11.90 0.81
CA PHE B 114 15.40 -11.26 2.02
C PHE B 114 14.50 -12.25 2.75
N ILE B 115 13.54 -12.82 2.00
CA ILE B 115 12.58 -13.74 2.61
C ILE B 115 13.27 -14.90 3.25
N ARG B 116 14.20 -15.53 2.54
CA ARG B 116 14.88 -16.70 3.10
C ARG B 116 15.70 -16.34 4.34
N GLY B 117 16.44 -15.25 4.28
CA GLY B 117 17.22 -14.77 5.42
C GLY B 117 16.38 -14.54 6.66
N PHE B 118 15.21 -13.93 6.45
CA PHE B 118 14.30 -13.63 7.53
C PHE B 118 13.77 -14.90 8.17
N TYR B 119 13.31 -15.83 7.34
CA TYR B 119 12.82 -17.08 7.90
C TYR B 119 13.95 -17.88 8.59
N LEU B 120 15.15 -17.96 7.99
CA LEU B 120 16.27 -18.68 8.60
C LEU B 120 16.65 -18.03 9.93
N PHE B 121 16.57 -16.70 10.05
CA PHE B 121 16.84 -16.06 11.36
C PHE B 121 15.86 -16.58 12.41
N GLN B 122 14.60 -16.60 12.07
CA GLN B 122 13.54 -17.03 13.01
C GLN B 122 13.69 -18.52 13.34
N LEU B 123 14.00 -19.34 12.32
CA LEU B 123 14.18 -20.76 12.55
C LEU B 123 15.17 -21.04 13.69
N ALA B 124 16.31 -20.36 13.61
CA ALA B 124 17.36 -20.64 14.56
C ALA B 124 17.16 -19.88 15.86
N LYS B 125 16.48 -18.75 15.80
CA LYS B 125 16.06 -18.05 17.00
C LYS B 125 15.14 -18.93 17.82
N GLU B 126 14.30 -19.71 17.16
CA GLU B 126 13.31 -20.49 17.89
C GLU B 126 13.76 -21.89 18.27
N PHE B 127 14.54 -22.54 17.39
CA PHE B 127 14.88 -23.95 17.55
C PHE B 127 16.35 -24.24 17.78
N LYS B 128 17.15 -23.17 17.70
CA LYS B 128 18.60 -23.21 17.90
C LYS B 128 19.30 -23.93 16.77
N ASP B 129 19.41 -25.26 16.87
CA ASP B 129 20.02 -26.09 15.87
C ASP B 129 18.91 -26.84 15.16
N ALA B 130 18.97 -26.85 13.82
CA ALA B 130 17.90 -27.50 13.02
C ALA B 130 18.43 -27.84 11.65
N PRO B 131 17.71 -28.75 10.95
CA PRO B 131 18.11 -29.04 9.57
C PRO B 131 18.10 -27.79 8.68
N LEU B 132 19.14 -27.61 7.88
CA LEU B 132 19.27 -26.41 7.09
C LEU B 132 19.01 -26.76 5.61
N ARG B 133 17.72 -26.72 5.25
CA ARG B 133 17.29 -27.16 3.93
C ARG B 133 17.31 -26.01 2.94
N LEU B 134 18.32 -26.01 2.09
CA LEU B 134 18.61 -24.87 1.20
C LEU B 134 18.47 -25.20 -0.28
N THR B 135 18.58 -26.47 -0.64
CA THR B 135 18.59 -26.86 -2.04
C THR B 135 17.40 -27.76 -2.34
N ALA B 136 17.31 -28.17 -3.61
CA ALA B 136 16.29 -29.12 -4.06
C ALA B 136 16.52 -30.48 -3.49
N SER B 137 17.76 -30.95 -3.49
CA SER B 137 18.12 -32.21 -2.87
C SER B 137 17.57 -32.25 -1.46
N GLN B 138 17.70 -31.12 -0.75
CA GLN B 138 17.46 -31.08 0.68
C GLN B 138 16.03 -30.79 1.13
N SER B 139 15.21 -30.16 0.28
CA SER B 139 13.94 -29.62 0.76
C SER B 139 12.85 -30.73 0.98
N PRO B 140 12.93 -31.90 0.31
CA PRO B 140 11.88 -32.90 0.67
C PRO B 140 11.87 -33.34 2.16
N SER B 141 10.66 -33.38 2.74
CA SER B 141 10.49 -33.68 4.18
C SER B 141 11.19 -35.00 4.54
N THR B 142 11.25 -35.92 3.59
CA THR B 142 11.88 -37.21 3.83
C THR B 142 13.37 -37.31 3.51
N PHE B 143 13.97 -36.24 3.00
CA PHE B 143 15.41 -36.21 2.76
C PHE B 143 16.12 -36.15 4.09
N PRO B 144 16.89 -37.17 4.42
CA PRO B 144 17.58 -37.16 5.71
C PRO B 144 18.65 -36.07 5.80
N LEU B 145 18.69 -35.38 6.93
CA LEU B 145 19.55 -34.22 7.04
C LEU B 145 19.85 -33.93 8.49
N ALA B 146 21.13 -34.05 8.87
CA ALA B 146 21.57 -33.71 10.24
C ALA B 146 21.38 -32.21 10.44
N LYS B 147 21.25 -31.80 11.69
CA LYS B 147 21.03 -30.42 12.00
C LYS B 147 22.29 -29.63 11.81
N SER B 148 22.10 -28.37 11.43
CA SER B 148 23.14 -27.36 11.44
C SER B 148 23.01 -26.52 12.74
N SER B 149 24.15 -26.03 13.24
CA SER B 149 24.14 -25.17 14.40
C SER B 149 23.44 -23.82 14.14
N GLN B 150 22.98 -23.19 15.21
CA GLN B 150 22.47 -21.83 15.15
C GLN B 150 23.40 -20.89 14.39
N ALA B 151 24.70 -20.96 14.72
CA ALA B 151 25.67 -20.10 14.09
C ALA B 151 25.66 -20.36 12.61
N ASP B 152 25.62 -21.62 12.20
CA ASP B 152 25.64 -21.89 10.76
C ASP B 152 24.37 -21.46 10.02
N ILE B 153 23.22 -21.63 10.68
CA ILE B 153 21.97 -21.16 10.09
C ILE B 153 22.00 -19.63 9.98
N TRP B 154 22.37 -18.93 11.07
CA TRP B 154 22.51 -17.51 10.99
C TRP B 154 23.58 -17.01 10.01
N ALA B 155 24.63 -17.82 9.80
CA ALA B 155 25.62 -17.43 8.79
C ALA B 155 25.02 -17.41 7.39
N GLN B 156 24.18 -18.40 7.11
CA GLN B 156 23.46 -18.44 5.84
C GLN B 156 22.49 -17.24 5.72
N ALA B 157 21.76 -16.96 6.81
CA ALA B 157 20.83 -15.83 6.81
C ALA B 157 21.54 -14.53 6.52
N LYS B 158 22.71 -14.33 7.14
CA LYS B 158 23.50 -13.13 6.88
C LYS B 158 23.97 -12.99 5.44
N GLU B 159 24.41 -14.09 4.85
CA GLU B 159 24.80 -14.12 3.46
CA GLU B 159 24.81 -14.10 3.45
C GLU B 159 23.63 -13.67 2.59
N ASP B 160 22.48 -14.27 2.88
CA ASP B 160 21.27 -13.98 2.14
C ASP B 160 20.87 -12.49 2.29
N LEU B 161 20.85 -11.96 3.51
CA LEU B 161 20.40 -10.59 3.73
C LEU B 161 21.43 -9.55 3.24
N LYS B 162 22.72 -9.89 3.25
CA LYS B 162 23.73 -8.98 2.69
C LYS B 162 23.51 -8.85 1.18
N THR B 163 23.26 -9.97 0.51
CA THR B 163 22.99 -9.91 -0.93
C THR B 163 21.69 -9.18 -1.20
N ALA B 164 20.65 -9.52 -0.43
CA ALA B 164 19.37 -8.84 -0.56
C ALA B 164 19.51 -7.31 -0.43
N ALA B 165 20.18 -6.86 0.63
CA ALA B 165 20.35 -5.41 0.87
C ALA B 165 20.98 -4.73 -0.32
N SER B 166 21.91 -5.41 -0.98
CA SER B 166 22.60 -4.84 -2.15
C SER B 166 21.71 -4.74 -3.40
N LEU B 167 20.66 -5.53 -3.45
CA LEU B 167 19.84 -5.60 -4.65
C LEU B 167 18.46 -4.96 -4.55
N LEU B 168 18.00 -4.71 -3.33
CA LEU B 168 16.67 -4.20 -3.11
C LEU B 168 16.58 -2.68 -3.20
N PRO B 169 15.37 -2.16 -3.43
CA PRO B 169 15.16 -0.75 -3.63
C PRO B 169 15.02 -0.02 -2.30
N ILE B 170 15.16 1.30 -2.33
CA ILE B 170 15.08 2.10 -1.08
C ILE B 170 13.62 2.25 -0.60
N THR B 171 12.68 2.20 -1.54
CA THR B 171 11.28 2.11 -1.22
C THR B 171 10.65 0.97 -1.98
N ASN B 172 9.54 0.48 -1.46
CA ASN B 172 8.85 -0.57 -2.14
C ASN B 172 7.38 -0.52 -1.76
N LYS B 173 6.59 -1.26 -2.52
CA LYS B 173 5.17 -1.42 -2.17
C LYS B 173 5.01 -2.01 -0.76
N ILE B 174 3.89 -1.67 -0.11
CA ILE B 174 3.64 -2.18 1.24
C ILE B 174 3.71 -3.70 1.25
N GLY B 175 4.43 -4.24 2.23
CA GLY B 175 4.68 -5.68 2.36
C GLY B 175 5.81 -6.27 1.57
N LYS B 176 6.47 -5.44 0.77
CA LYS B 176 7.58 -5.89 -0.06
CA LYS B 176 7.58 -5.92 -0.04
C LYS B 176 8.85 -5.26 0.49
N PRO B 177 9.94 -6.02 0.56
CA PRO B 177 11.07 -5.50 1.28
C PRO B 177 11.91 -4.45 0.57
N THR B 178 12.52 -3.61 1.38
CA THR B 178 13.44 -2.56 0.96
C THR B 178 14.85 -2.93 1.37
N GLN B 179 15.84 -2.16 0.89
CA GLN B 179 17.19 -2.38 1.31
C GLN B 179 17.29 -2.13 2.81
N GLY B 180 16.52 -1.15 3.32
CA GLY B 180 16.53 -0.84 4.75
C GLY B 180 15.99 -2.01 5.58
N ALA B 181 14.94 -2.70 5.11
CA ALA B 181 14.44 -3.87 5.80
C ALA B 181 15.52 -4.96 5.87
N ALA B 182 16.24 -5.14 4.77
CA ALA B 182 17.29 -6.14 4.73
C ALA B 182 18.42 -5.77 5.67
N TYR B 183 18.82 -4.48 5.67
CA TYR B 183 19.87 -4.03 6.59
C TYR B 183 19.44 -4.15 8.06
N ALA B 184 18.18 -3.83 8.33
CA ALA B 184 17.65 -3.92 9.71
C ALA B 184 17.61 -5.36 10.20
N ALA B 185 17.18 -6.27 9.33
CA ALA B 185 17.14 -7.70 9.65
C ALA B 185 18.53 -8.23 9.90
N LEU B 186 19.46 -7.78 9.08
CA LEU B 186 20.88 -8.18 9.23
C LEU B 186 21.45 -7.65 10.55
N GLY B 187 21.18 -6.39 10.87
CA GLY B 187 21.60 -5.79 12.14
C GLY B 187 21.12 -6.56 13.36
N LYS B 188 19.86 -7.04 13.31
CA LYS B 188 19.35 -7.87 14.39
C LYS B 188 20.16 -9.17 14.51
N ILE B 189 20.52 -9.80 13.39
CA ILE B 189 21.35 -11.01 13.53
C ILE B 189 22.67 -10.62 14.25
N TYR B 190 23.29 -9.52 13.84
CA TYR B 190 24.58 -9.13 14.46
C TYR B 190 24.37 -8.86 15.95
N VAL B 191 23.26 -8.25 16.32
CA VAL B 191 23.01 -7.99 17.74
C VAL B 191 22.86 -9.34 18.47
N TYR B 192 22.19 -10.31 17.89
CA TYR B 192 21.99 -11.62 18.55
C TYR B 192 23.31 -12.38 18.64
N GLU B 193 24.27 -12.05 17.76
CA GLU B 193 25.60 -12.66 17.80
C GLU B 193 26.61 -11.85 18.57
N GLU B 194 26.14 -10.75 19.13
CA GLU B 194 26.97 -9.81 19.88
C GLU B 194 28.10 -9.22 19.04
N ASN B 195 27.82 -9.04 17.77
CA ASN B 195 28.76 -8.40 16.84
C ASN B 195 28.41 -6.94 16.77
N TRP B 196 28.85 -6.21 17.76
CA TRP B 196 28.36 -4.85 17.92
C TRP B 196 28.79 -3.89 16.81
N GLN B 197 30.04 -3.99 16.36
CA GLN B 197 30.51 -3.09 15.32
C GLN B 197 29.83 -3.33 13.99
N GLU B 198 29.59 -4.58 13.64
CA GLU B 198 28.89 -4.84 12.39
C GLU B 198 27.45 -4.39 12.49
N ALA B 199 26.83 -4.56 13.66
CA ALA B 199 25.47 -4.02 13.88
C ALA B 199 25.44 -2.52 13.60
N ILE B 200 26.41 -1.81 14.17
CA ILE B 200 26.52 -0.38 13.92
C ILE B 200 26.72 -0.07 12.42
N ASN B 201 27.55 -0.85 11.76
CA ASN B 201 27.93 -0.54 10.39
C ASN B 201 26.71 -0.62 9.44
N VAL B 202 25.79 -1.55 9.73
CA VAL B 202 24.62 -1.70 8.88
C VAL B 202 23.40 -0.90 9.32
N LEU B 203 23.31 -0.61 10.61
CA LEU B 203 22.17 0.13 11.16
C LEU B 203 22.34 1.61 11.14
N GLU B 204 23.54 2.10 11.45
CA GLU B 204 23.67 3.56 11.55
C GLU B 204 23.29 4.31 10.29
N PRO B 205 23.61 3.78 9.11
CA PRO B 205 23.20 4.48 7.90
C PRO B 205 21.71 4.70 7.68
N LEU B 206 20.92 3.82 8.32
CA LEU B 206 19.46 3.88 8.26
C LEU B 206 18.89 5.10 8.99
N THR B 207 19.70 5.79 9.80
CA THR B 207 19.32 7.00 10.48
C THR B 207 19.62 8.28 9.67
N GLN B 208 20.13 8.10 8.43
CA GLN B 208 20.65 9.26 7.66
C GLN B 208 20.06 9.24 6.29
N ASN B 209 20.17 10.38 5.61
CA ASN B 209 19.81 10.41 4.18
C ASN B 209 20.58 9.30 3.50
N PRO B 210 20.00 8.66 2.47
CA PRO B 210 18.73 8.94 1.78
C PRO B 210 17.50 8.27 2.41
N TYR B 211 17.65 7.64 3.56
CA TYR B 211 16.46 7.08 4.25
C TYR B 211 15.58 8.19 4.85
N THR B 212 14.31 7.86 5.07
CA THR B 212 13.29 8.76 5.56
C THR B 212 12.64 8.19 6.82
N TYR B 213 13.21 7.16 7.42
CA TYR B 213 12.67 6.62 8.64
C TYR B 213 12.73 7.62 9.77
N LYS B 214 11.61 7.72 10.47
CA LYS B 214 11.55 8.52 11.69
CA LYS B 214 11.47 8.59 11.64
CA LYS B 214 11.48 8.58 11.64
C LYS B 214 10.53 7.92 12.63
N LEU B 215 10.68 8.22 13.90
CA LEU B 215 9.67 7.83 14.86
C LEU B 215 8.40 8.68 14.65
N VAL B 216 7.22 8.05 14.54
CA VAL B 216 5.98 8.84 14.44
C VAL B 216 5.66 9.53 15.76
N GLU B 217 5.02 10.69 15.67
CA GLU B 217 4.80 11.46 16.87
C GLU B 217 3.87 10.73 17.84
N ASP B 218 2.88 10.07 17.27
CA ASP B 218 1.91 9.29 18.05
C ASP B 218 2.25 7.81 17.98
N PHE B 219 2.78 7.29 19.06
CA PHE B 219 3.19 5.88 19.20
C PHE B 219 2.12 4.93 18.69
N ASN B 220 0.87 5.25 18.93
CA ASN B 220 -0.24 4.36 18.58
C ASN B 220 -0.40 4.12 17.09
N TRP B 221 0.13 5.02 16.28
CA TRP B 221 0.05 4.87 14.82
C TRP B 221 0.84 3.68 14.33
N ASN B 222 1.69 3.10 15.17
CA ASN B 222 2.33 1.82 14.82
C ASN B 222 1.44 0.60 14.94
N PHE B 223 0.24 0.73 15.52
CA PHE B 223 -0.53 -0.44 15.86
C PHE B 223 -1.97 -0.31 15.43
N ASP B 224 -2.23 0.52 14.42
CA ASP B 224 -3.57 0.75 13.98
C ASP B 224 -3.75 0.42 12.47
N ASP B 225 -4.98 0.49 12.01
CA ASP B 225 -5.29 0.31 10.60
C ASP B 225 -4.98 1.54 9.72
N THR B 226 -5.37 2.73 10.18
CA THR B 226 -5.34 3.87 9.30
C THR B 226 -3.94 4.43 9.05
N HIS B 227 -2.99 4.11 9.94
CA HIS B 227 -1.59 4.53 9.76
C HIS B 227 -0.62 3.39 9.46
N GLU B 228 -1.13 2.36 8.77
CA GLU B 228 -0.26 1.35 8.18
C GLU B 228 0.72 2.03 7.24
N ASN B 229 1.92 1.46 7.14
CA ASN B 229 2.97 2.01 6.23
C ASN B 229 3.39 3.41 6.58
N ASN B 230 3.38 3.73 7.87
CA ASN B 230 3.76 5.04 8.33
C ASN B 230 5.30 5.21 8.20
N ALA B 231 5.78 6.39 8.58
CA ALA B 231 7.15 6.78 8.35
C ALA B 231 8.13 6.02 9.24
N GLU B 232 7.60 5.38 10.29
CA GLU B 232 8.39 4.51 11.17
C GLU B 232 8.49 3.08 10.68
N SER B 233 7.65 2.73 9.71
CA SER B 233 7.57 1.36 9.25
C SER B 233 8.79 0.95 8.48
N ILE B 234 9.37 -0.21 8.77
CA ILE B 234 10.41 -0.75 7.95
C ILE B 234 9.96 -1.95 7.15
N PHE B 235 9.21 -2.83 7.77
CA PHE B 235 8.62 -3.98 7.08
C PHE B 235 7.35 -4.43 7.83
N GLU B 236 6.27 -4.57 7.07
CA GLU B 236 4.97 -4.91 7.59
C GLU B 236 4.34 -6.01 6.79
N LEU B 237 3.49 -6.80 7.45
CA LEU B 237 2.81 -7.90 6.82
C LEU B 237 1.31 -7.68 6.75
N LEU B 238 0.74 -7.95 5.58
CA LEU B 238 -0.71 -7.84 5.35
C LEU B 238 -1.28 -9.23 5.47
N ILE B 239 -1.72 -9.55 6.67
CA ILE B 239 -2.07 -10.94 7.05
C ILE B 239 -3.22 -11.51 6.18
N GLU B 240 -4.12 -10.64 5.77
CA GLU B 240 -5.29 -11.06 4.99
C GLU B 240 -4.99 -11.29 3.49
N ASP B 241 -3.83 -10.84 3.01
CA ASP B 241 -3.55 -10.89 1.58
C ASP B 241 -2.68 -12.08 1.24
N VAL B 242 -3.34 -13.13 0.73
CA VAL B 242 -2.75 -14.48 0.58
C VAL B 242 -3.22 -15.11 -0.73
N TRP B 248 1.40 -26.36 -4.50
CA TRP B 248 1.56 -24.90 -4.27
C TRP B 248 1.49 -24.01 -5.54
N THR B 257 -4.40 -15.44 6.03
CA THR B 257 -5.34 -16.23 6.90
C THR B 257 -6.32 -15.23 7.53
N GLN B 258 -7.60 -15.29 7.11
CA GLN B 258 -8.58 -14.21 7.37
C GLN B 258 -9.67 -14.38 8.46
N SER B 259 -9.85 -15.58 8.96
CA SER B 259 -11.01 -15.84 9.84
C SER B 259 -10.76 -15.63 11.34
N ASN B 260 -9.59 -16.05 11.80
CA ASN B 260 -9.21 -15.97 13.18
C ASN B 260 -8.01 -15.03 13.32
N THR B 261 -8.25 -13.81 13.79
CA THR B 261 -7.22 -12.85 13.96
C THR B 261 -7.02 -12.46 15.43
N ARG B 262 -5.90 -11.79 15.66
CA ARG B 262 -5.47 -11.45 16.97
C ARG B 262 -6.46 -10.74 17.87
N PRO B 263 -7.17 -9.73 17.41
CA PRO B 263 -7.90 -8.90 18.38
C PRO B 263 -8.92 -9.67 19.19
N LYS B 264 -9.65 -10.60 18.58
CA LYS B 264 -10.70 -11.25 19.35
C LYS B 264 -10.12 -12.09 20.48
N GLU B 265 -8.89 -12.55 20.32
CA GLU B 265 -8.28 -13.40 21.33
C GLU B 265 -8.13 -12.69 22.68
N TYR B 266 -7.75 -11.42 22.66
CA TYR B 266 -7.27 -10.75 23.90
C TYR B 266 -8.30 -9.82 24.51
N ALA B 267 -9.39 -9.57 23.81
CA ALA B 267 -10.43 -8.77 24.37
C ALA B 267 -11.22 -9.52 25.50
N ALA B 268 -11.71 -8.75 26.47
CA ALA B 268 -12.43 -9.31 27.60
C ALA B 268 -13.73 -9.91 27.10
N ALA B 269 -14.20 -10.93 27.82
CA ALA B 269 -15.54 -11.46 27.57
C ALA B 269 -16.59 -10.37 27.60
N GLU B 270 -16.38 -9.36 28.44
CA GLU B 270 -17.33 -8.26 28.54
C GLU B 270 -17.59 -7.51 27.24
N VAL B 271 -16.66 -7.60 26.29
CA VAL B 271 -16.80 -6.97 25.00
C VAL B 271 -16.72 -8.00 23.86
N GLY B 272 -16.96 -9.27 24.19
CA GLY B 272 -17.13 -10.34 23.20
C GLY B 272 -15.88 -11.12 22.80
N GLY B 273 -14.80 -10.93 23.57
CA GLY B 273 -13.52 -11.55 23.25
C GLY B 273 -13.29 -12.86 23.99
N TRP B 274 -12.16 -13.50 23.68
CA TRP B 274 -11.76 -14.80 24.25
C TRP B 274 -10.89 -14.66 25.47
N TYR B 275 -10.61 -13.43 25.91
CA TYR B 275 -9.84 -13.14 27.12
C TYR B 275 -8.69 -14.10 27.36
N GLU B 276 -7.86 -14.30 26.32
CA GLU B 276 -6.95 -15.41 26.37
C GLU B 276 -5.74 -15.16 27.27
N ALA B 277 -5.33 -13.90 27.45
CA ALA B 277 -4.18 -13.57 28.30
C ALA B 277 -4.35 -12.20 28.89
N ASN B 278 -3.66 -11.98 29.99
CA ASN B 278 -3.66 -10.70 30.67
C ASN B 278 -2.24 -10.34 31.05
N PRO B 279 -1.91 -9.05 30.98
CA PRO B 279 -0.60 -8.57 31.55
C PRO B 279 -0.41 -8.99 33.01
N THR B 280 0.85 -9.29 33.35
CA THR B 280 1.22 -9.62 34.71
C THR B 280 1.44 -8.32 35.52
N GLN B 281 1.39 -8.45 36.84
CA GLN B 281 1.70 -7.36 37.69
C GLN B 281 3.16 -6.90 37.46
N GLN B 282 4.06 -7.87 37.26
CA GLN B 282 5.45 -7.50 37.01
C GLN B 282 5.60 -6.53 35.82
N ILE B 283 4.92 -6.79 34.71
CA ILE B 283 5.08 -5.96 33.55
C ILE B 283 4.38 -4.59 33.79
N ASP B 285 4.26 -3.12 36.67
CA ASP B 285 5.16 -2.38 37.54
C ASP B 285 6.25 -1.72 36.70
N ILE B 286 6.75 -2.41 35.67
CA ILE B 286 7.70 -1.83 34.70
C ILE B 286 7.13 -0.63 33.98
N PHE B 287 5.90 -0.75 33.46
CA PHE B 287 5.22 0.37 32.77
C PHE B 287 5.03 1.58 33.69
N TRP B 288 4.79 1.33 34.96
CA TRP B 288 4.46 2.41 35.91
C TRP B 288 5.67 2.99 36.60
N LYS B 289 6.86 2.38 36.44
CA LYS B 289 7.98 2.78 37.31
CA LYS B 289 8.03 2.75 37.27
C LYS B 289 8.33 4.25 37.14
N GLU B 290 8.35 4.73 35.91
CA GLU B 290 8.79 6.11 35.62
C GLU B 290 7.66 6.89 34.95
N LYS B 291 7.18 7.96 35.59
CA LYS B 291 6.16 8.80 34.97
C LYS B 291 6.81 9.73 33.93
N ASP B 292 6.00 10.30 33.06
CA ASP B 292 6.50 11.18 32.01
C ASP B 292 6.77 12.61 32.50
N LYS B 293 7.13 13.50 31.58
CA LYS B 293 7.59 14.85 31.95
C LYS B 293 6.45 15.62 32.58
N ASP B 294 5.20 15.21 32.33
CA ASP B 294 4.03 15.88 32.86
C ASP B 294 3.48 15.16 34.10
N GLY B 295 4.20 14.16 34.59
CA GLY B 295 3.80 13.40 35.77
C GLY B 295 2.73 12.37 35.50
N ASN B 296 2.49 12.06 34.24
CA ASN B 296 1.49 11.07 33.81
C ASN B 296 2.11 9.73 33.49
N PHE B 297 1.26 8.73 33.42
CA PHE B 297 1.74 7.41 32.99
C PHE B 297 2.38 7.56 31.60
N ASP B 298 3.47 6.82 31.36
CA ASP B 298 4.05 6.67 30.04
C ASP B 298 2.95 6.46 28.99
N TYR B 299 2.89 7.33 27.97
CA TYR B 299 1.88 7.17 26.95
C TYR B 299 1.96 5.78 26.33
N ARG B 300 3.15 5.19 26.25
CA ARG B 300 3.25 3.85 25.66
C ARG B 300 2.47 2.83 26.50
N ALA B 301 2.51 3.00 27.82
CA ALA B 301 1.72 2.16 28.74
C ALA B 301 0.24 2.36 28.40
N ARG B 302 -0.18 3.63 28.28
CA ARG B 302 -1.59 3.90 28.04
C ARG B 302 -2.08 3.42 26.67
N CYS B 303 -1.18 3.29 25.69
CA CYS B 303 -1.52 2.68 24.39
C CYS B 303 -1.51 1.15 24.45
N SER B 304 -0.89 0.58 25.48
CA SER B 304 -0.62 -0.84 25.47
C SER B 304 -1.51 -1.69 26.34
N VAL B 305 -2.02 -1.09 27.41
CA VAL B 305 -2.81 -1.80 28.44
CA VAL B 305 -2.79 -1.81 28.41
C VAL B 305 -3.90 -0.90 28.98
N ALA B 306 -5.07 -1.49 29.31
CA ALA B 306 -6.14 -0.82 30.02
C ALA B 306 -6.10 -1.35 31.44
N TRP B 307 -6.24 -0.43 32.41
CA TRP B 307 -6.28 -0.79 33.81
C TRP B 307 -7.02 0.30 34.56
N ASP B 308 -7.17 0.12 35.87
CA ASP B 308 -8.05 1.01 36.63
C ASP B 308 -7.31 2.31 37.03
N TYR B 309 -7.23 3.22 36.07
CA TYR B 309 -6.77 4.59 36.33
C TYR B 309 -7.74 5.62 35.79
N GLU B 310 -7.55 6.86 36.21
CA GLU B 310 -8.50 7.91 35.84
CA GLU B 310 -8.48 7.93 35.85
C GLU B 310 -8.50 8.16 34.33
N GLY B 311 -9.70 8.03 33.75
CA GLY B 311 -9.91 8.34 32.34
C GLY B 311 -9.63 7.17 31.43
N CYS B 312 -9.28 6.03 32.00
CA CYS B 312 -9.08 4.83 31.17
C CYS B 312 -10.37 4.43 30.46
N THR B 313 -10.29 4.26 29.12
CA THR B 313 -11.43 3.80 28.34
C THR B 313 -11.03 2.46 27.73
N TYR B 314 -12.03 1.65 27.46
CA TYR B 314 -11.84 0.31 26.95
C TYR B 314 -13.02 0.01 26.07
N TYR B 315 -12.76 -0.12 24.76
CA TYR B 315 -13.86 -0.35 23.81
C TYR B 315 -14.97 0.72 23.94
N GLN B 316 -14.52 1.97 24.08
CA GLN B 316 -15.39 3.17 24.04
C GLN B 316 -16.27 3.35 25.24
N ARG B 317 -15.89 2.72 26.35
CA ARG B 317 -16.57 2.90 27.63
CA ARG B 317 -16.58 2.91 27.62
C ARG B 317 -15.57 3.07 28.75
N PRO B 318 -15.97 3.75 29.82
CA PRO B 318 -15.06 3.81 30.96
C PRO B 318 -14.73 2.44 31.53
N PHE B 319 -13.48 2.24 31.96
CA PHE B 319 -13.02 0.98 32.45
C PHE B 319 -13.89 0.44 33.58
N ARG B 320 -14.23 1.30 34.54
CA ARG B 320 -15.05 0.88 35.67
C ARG B 320 -16.52 0.61 35.35
N GLU B 321 -16.97 1.02 34.17
CA GLU B 321 -18.29 0.63 33.65
C GLU B 321 -18.27 -0.69 32.89
N VAL B 322 -17.20 -0.94 32.13
CA VAL B 322 -17.04 -2.25 31.46
C VAL B 322 -16.95 -3.41 32.47
N PHE B 323 -16.13 -3.23 33.50
CA PHE B 323 -15.82 -4.26 34.44
C PHE B 323 -16.52 -4.04 35.76
N ALA B 324 -17.00 -5.13 36.32
CA ALA B 324 -17.57 -5.14 37.62
C ALA B 324 -16.43 -4.83 38.59
N GLN B 325 -16.80 -4.35 39.79
CA GLN B 325 -15.80 -3.91 40.78
C GLN B 325 -14.79 -4.99 41.11
N ASP B 326 -15.21 -6.25 41.20
CA ASP B 326 -14.28 -7.32 41.49
C ASP B 326 -13.22 -7.59 40.39
N LYS B 327 -13.38 -6.93 39.24
CA LYS B 327 -12.45 -7.01 38.13
C LYS B 327 -11.76 -5.68 37.87
N TRP B 328 -11.98 -4.68 38.72
CA TRP B 328 -11.27 -3.42 38.56
C TRP B 328 -9.76 -3.61 38.66
N LYS B 329 -9.31 -4.62 39.38
CA LYS B 329 -7.88 -4.94 39.56
C LYS B 329 -7.22 -5.52 38.36
N THR B 330 -8.00 -5.85 37.31
CA THR B 330 -7.45 -6.56 36.13
C THR B 330 -6.77 -5.67 35.09
N TYR B 331 -6.00 -6.33 34.22
CA TYR B 331 -5.20 -5.67 33.20
C TYR B 331 -5.57 -6.31 31.82
N TRP B 332 -5.68 -5.47 30.80
CA TRP B 332 -6.15 -5.88 29.46
C TRP B 332 -5.27 -5.32 28.35
N ILE B 333 -4.85 -6.20 27.45
CA ILE B 333 -4.00 -5.78 26.32
C ILE B 333 -4.79 -4.88 25.40
N LEU B 334 -4.15 -3.80 24.98
CA LEU B 334 -4.69 -2.85 23.96
C LEU B 334 -3.90 -2.83 22.64
N LYS B 335 -2.61 -3.15 22.67
CA LYS B 335 -1.83 -3.04 21.44
C LYS B 335 -2.36 -4.07 20.45
N TYR B 336 -2.61 -3.62 19.23
CA TYR B 336 -3.13 -4.43 18.11
C TYR B 336 -4.61 -4.83 18.29
N GLN B 337 -5.33 -4.15 19.20
CA GLN B 337 -6.75 -4.38 19.45
C GLN B 337 -7.55 -3.26 18.82
N ASN B 338 -8.82 -3.47 18.59
CA ASN B 338 -9.73 -2.41 18.16
C ASN B 338 -10.40 -1.65 19.31
N TRP B 339 -9.62 -1.42 20.38
CA TRP B 339 -10.13 -0.93 21.65
C TRP B 339 -10.60 0.52 21.63
N LYS B 340 -10.16 1.28 20.64
CA LYS B 340 -10.73 2.60 20.46
C LYS B 340 -11.47 2.82 19.18
N THR B 341 -11.37 1.90 18.23
CA THR B 341 -12.12 2.09 16.98
C THR B 341 -13.51 1.43 17.07
N GLN B 342 -13.68 0.48 18.01
CA GLN B 342 -14.88 -0.35 18.07
C GLN B 342 -15.32 -0.53 19.52
N LYS B 343 -16.51 -1.07 19.68
CA LYS B 343 -17.10 -1.40 20.97
C LYS B 343 -17.06 -2.89 21.25
N ASP B 344 -16.60 -3.68 20.27
CA ASP B 344 -16.53 -5.11 20.38
C ASP B 344 -15.52 -5.67 19.40
N GLU B 345 -15.26 -6.99 19.49
CA GLU B 345 -14.48 -7.70 18.46
C GLU B 345 -15.22 -8.81 17.72
N PRO B 346 -15.92 -8.49 16.63
CA PRO B 346 -16.70 -9.48 15.91
C PRO B 346 -15.78 -10.49 15.20
N ALA B 347 -16.33 -11.65 14.94
CA ALA B 347 -15.72 -12.62 14.10
C ALA B 347 -16.80 -12.90 13.08
N PRO B 348 -16.44 -12.91 11.80
CA PRO B 348 -15.08 -12.63 11.32
C PRO B 348 -14.77 -11.15 11.48
N PRO B 349 -13.48 -10.79 11.44
CA PRO B 349 -13.14 -9.40 11.68
C PRO B 349 -13.50 -8.45 10.53
N LYS B 350 -13.68 -7.19 10.89
CA LYS B 350 -14.13 -6.14 9.96
CA LYS B 350 -14.13 -6.17 9.94
C LYS B 350 -12.95 -5.54 9.17
N SER B 351 -11.75 -5.67 9.73
CA SER B 351 -10.57 -5.03 9.18
C SER B 351 -9.40 -5.85 9.73
N PHE B 352 -8.18 -5.52 9.28
CA PHE B 352 -6.95 -6.18 9.68
C PHE B 352 -5.92 -5.14 9.95
N ILE B 353 -5.25 -5.33 11.09
CA ILE B 353 -4.20 -4.39 11.48
C ILE B 353 -2.86 -5.05 11.15
N ASN B 354 -2.10 -4.48 10.21
CA ASN B 354 -0.85 -5.09 9.78
C ASN B 354 0.07 -5.29 10.96
N GLU B 355 0.75 -6.45 10.99
CA GLU B 355 1.80 -6.67 11.92
C GLU B 355 3.05 -5.88 11.47
N ARG B 356 3.53 -4.98 12.30
CA ARG B 356 4.78 -4.22 12.03
C ARG B 356 5.96 -5.07 12.44
N ALA B 357 6.47 -5.86 11.52
CA ALA B 357 7.51 -6.83 11.87
C ALA B 357 8.85 -6.14 12.20
N ILE B 358 9.15 -5.06 11.48
CA ILE B 358 10.30 -4.22 11.79
C ILE B 358 9.89 -2.76 11.72
N ARG B 359 10.23 -1.99 12.74
CA ARG B 359 9.95 -0.56 12.75
C ARG B 359 11.19 0.20 13.25
N TYR B 360 11.26 1.50 12.98
CA TYR B 360 12.48 2.27 13.22
C TYR B 360 12.86 2.33 14.69
N ALA B 361 11.92 2.25 15.65
CA ALA B 361 12.37 2.20 17.06
C ALA B 361 13.33 1.05 17.32
N ASP B 362 13.22 -0.04 16.55
CA ASP B 362 14.06 -1.22 16.67
C ASP B 362 15.51 -0.79 16.27
N VAL B 363 15.63 -0.03 15.20
CA VAL B 363 16.94 0.45 14.73
C VAL B 363 17.60 1.30 15.80
N LEU B 364 16.85 2.26 16.35
CA LEU B 364 17.39 3.14 17.36
C LEU B 364 17.82 2.39 18.64
N LEU B 365 17.00 1.45 19.10
CA LEU B 365 17.37 0.72 20.34
C LEU B 365 18.51 -0.30 20.11
N LEU B 367 20.91 0.22 17.95
CA LEU B 367 22.08 1.10 17.98
C LEU B 367 22.45 1.48 19.37
N ALA B 368 21.46 1.74 20.26
CA ALA B 368 21.78 2.05 21.63
C ALA B 368 22.54 0.91 22.27
N GLU B 369 22.06 -0.30 22.03
CA GLU B 369 22.69 -1.52 22.58
C GLU B 369 24.11 -1.72 22.07
N ALA B 370 24.29 -1.60 20.76
CA ALA B 370 25.61 -1.80 20.13
C ALA B 370 26.62 -0.78 20.66
N TYR B 371 26.24 0.50 20.70
CA TYR B 371 27.16 1.57 21.16
C TYR B 371 27.49 1.44 22.65
N ASN B 373 27.67 -1.42 24.27
CA ASN B 373 28.61 -2.52 24.41
C ASN B 373 30.01 -2.14 23.95
N LYS B 374 30.12 -1.20 23.00
CA LYS B 374 31.44 -0.71 22.56
C LYS B 374 32.04 0.30 23.52
N GLY B 375 31.25 0.82 24.44
CA GLY B 375 31.74 1.74 25.47
C GLY B 375 31.47 3.18 25.09
N ALA B 376 30.72 3.38 24.02
CA ALA B 376 30.41 4.73 23.52
C ALA B 376 29.09 5.16 24.22
N LEU B 377 29.18 5.46 25.50
CA LEU B 377 28.02 5.57 26.36
C LEU B 377 27.21 6.83 26.04
N ASP B 378 27.89 7.95 25.77
CA ASP B 378 27.16 9.14 25.33
C ASP B 378 26.37 8.91 24.03
N THR B 379 26.96 8.21 23.07
CA THR B 379 26.26 7.98 21.82
C THR B 379 25.03 7.11 22.03
N SER B 380 25.22 6.07 22.84
CA SER B 380 24.14 5.17 23.21
C SER B 380 23.00 5.88 23.86
N ILE B 381 23.34 6.71 24.85
CA ILE B 381 22.34 7.52 25.54
C ILE B 381 21.54 8.38 24.57
N GLY B 382 22.20 8.91 23.55
CA GLY B 382 21.54 9.75 22.55
C GLY B 382 20.41 8.97 21.86
N TYR B 383 20.67 7.70 21.57
CA TYR B 383 19.64 6.86 20.93
C TYR B 383 18.52 6.54 21.91
N ILE B 384 18.87 6.19 23.12
CA ILE B 384 17.86 5.99 24.16
C ILE B 384 17.00 7.24 24.33
N ASN B 385 17.63 8.41 24.32
CA ASN B 385 16.89 9.65 24.47
C ASN B 385 15.95 9.94 23.29
N GLN B 386 16.26 9.45 22.08
CA GLN B 386 15.28 9.57 21.00
C GLN B 386 13.98 8.84 21.35
N ILE B 387 14.11 7.64 21.89
CA ILE B 387 12.95 6.83 22.29
C ILE B 387 12.22 7.48 23.46
N ARG B 388 12.99 7.91 24.45
CA ARG B 388 12.41 8.58 25.63
C ARG B 388 11.64 9.81 25.22
N ARG B 389 12.25 10.63 24.34
CA ARG B 389 11.63 11.90 23.93
C ARG B 389 10.32 11.71 23.16
N ARG B 390 10.28 10.68 22.34
CA ARG B 390 9.03 10.39 21.66
C ARG B 390 7.93 10.05 22.63
N ALA B 391 8.28 9.36 23.72
CA ALA B 391 7.29 9.00 24.76
C ALA B 391 7.11 10.07 25.81
N ASN B 392 7.64 11.28 25.58
CA ASN B 392 7.47 12.43 26.48
C ASN B 392 8.03 12.16 27.85
N LEU B 393 9.06 11.33 27.91
CA LEU B 393 9.82 11.10 29.14
C LEU B 393 10.95 12.11 29.24
N ASN B 394 11.39 12.34 30.47
CA ASN B 394 12.67 12.99 30.68
C ASN B 394 13.78 12.17 30.07
N ASP B 395 14.89 12.86 29.80
CA ASP B 395 16.08 12.23 29.27
C ASP B 395 16.66 11.30 30.33
N TYR B 396 17.40 10.32 29.84
CA TYR B 396 18.19 9.42 30.69
C TYR B 396 18.92 10.19 31.80
N SER B 397 18.81 9.70 33.02
CA SER B 397 19.50 10.33 34.14
C SER B 397 20.18 9.33 35.07
N GLY B 398 20.50 8.16 34.58
CA GLY B 398 21.23 7.18 35.36
C GLY B 398 22.71 7.45 35.20
N PRO B 399 23.52 6.62 35.81
CA PRO B 399 24.97 6.81 35.69
C PRO B 399 25.47 6.58 34.29
N ILE B 400 26.54 7.27 33.95
CA ILE B 400 27.21 7.10 32.66
C ILE B 400 28.18 5.94 32.79
N THR B 401 27.57 4.75 32.88
CA THR B 401 28.26 3.50 32.95
C THR B 401 27.54 2.50 32.02
N LYS B 402 28.22 1.45 31.58
CA LYS B 402 27.57 0.35 30.86
C LYS B 402 26.41 -0.21 31.71
N GLU B 403 26.59 -0.36 33.02
CA GLU B 403 25.50 -0.95 33.84
C GLU B 403 24.24 -0.06 33.90
N GLY B 404 24.46 1.24 34.05
CA GLY B 404 23.37 2.19 34.08
C GLY B 404 22.63 2.23 32.77
N VAL B 405 23.35 2.33 31.68
CA VAL B 405 22.78 2.42 30.36
C VAL B 405 22.06 1.12 29.97
N PHE B 406 22.64 -0.02 30.32
CA PHE B 406 21.99 -1.33 30.12
C PHE B 406 20.69 -1.42 30.86
N GLU B 407 20.69 -0.99 32.11
CA GLU B 407 19.45 -1.02 32.88
C GLU B 407 18.32 -0.31 32.13
N ASP B 408 18.61 0.87 31.59
CA ASP B 408 17.57 1.62 30.86
C ASP B 408 17.27 1.06 29.48
N LEU B 409 18.28 0.50 28.79
CA LEU B 409 18.02 -0.23 27.55
C LEU B 409 16.98 -1.34 27.79
N VAL B 410 17.17 -2.16 28.82
CA VAL B 410 16.26 -3.26 29.08
C VAL B 410 14.86 -2.67 29.31
N HIS B 411 14.82 -1.63 30.14
CA HIS B 411 13.60 -0.96 30.50
C HIS B 411 12.87 -0.41 29.30
N GLN B 412 13.58 0.33 28.47
CA GLN B 412 12.97 0.91 27.26
C GLN B 412 12.49 -0.14 26.31
N ARG B 413 13.25 -1.21 26.12
CA ARG B 413 12.78 -2.26 25.24
C ARG B 413 11.55 -2.96 25.76
N ALA B 414 11.48 -3.16 27.07
CA ALA B 414 10.32 -3.81 27.71
C ALA B 414 9.07 -2.99 27.40
N ILE B 415 9.14 -1.66 27.54
CA ILE B 415 7.97 -0.83 27.37
C ILE B 415 7.67 -0.59 25.88
N GLU B 416 8.70 -0.32 25.09
CA GLU B 416 8.52 0.03 23.68
C GLU B 416 7.94 -1.13 22.88
N PHE B 417 8.34 -2.36 23.20
CA PHE B 417 8.03 -3.52 22.37
C PHE B 417 7.07 -4.53 23.02
N PHE B 418 6.36 -4.06 24.03
CA PHE B 418 5.41 -4.95 24.74
C PHE B 418 4.50 -5.71 23.74
N VAL B 419 4.40 -7.01 23.95
CA VAL B 419 3.66 -7.98 23.13
C VAL B 419 3.99 -7.98 21.62
N GLU B 420 5.18 -7.51 21.27
CA GLU B 420 5.70 -7.55 19.89
C GLU B 420 6.65 -8.72 19.66
N GLY B 421 6.83 -9.59 20.64
CA GLY B 421 7.61 -10.79 20.45
C GLY B 421 9.10 -10.61 20.65
N GLU B 422 9.50 -9.64 21.49
CA GLU B 422 10.91 -9.35 21.76
C GLU B 422 11.39 -9.78 23.16
N ARG B 423 10.55 -9.55 24.15
CA ARG B 423 10.92 -9.67 25.55
C ARG B 423 11.53 -11.03 25.91
N PHE B 424 10.91 -12.14 25.51
CA PHE B 424 11.46 -13.46 25.84
C PHE B 424 12.88 -13.65 25.29
N TYR B 425 13.04 -13.26 24.04
CA TYR B 425 14.31 -13.51 23.30
C TYR B 425 15.42 -12.58 23.82
N ASP B 426 15.03 -11.37 24.20
CA ASP B 426 15.87 -10.39 24.86
C ASP B 426 16.35 -10.91 26.20
N LEU B 427 15.42 -11.32 27.05
CA LEU B 427 15.80 -11.87 28.34
C LEU B 427 16.72 -13.06 28.20
N ARG B 428 16.40 -13.93 27.23
CA ARG B 428 17.21 -15.13 26.97
C ARG B 428 18.64 -14.74 26.60
N ARG B 429 18.81 -13.87 25.60
CA ARG B 429 20.14 -13.51 25.11
C ARG B 429 20.92 -12.68 26.13
N TRP B 430 20.21 -11.94 27.01
CA TRP B 430 20.88 -11.16 28.04
C TRP B 430 21.22 -11.99 29.30
N GLY B 431 20.77 -13.23 29.37
CA GLY B 431 20.89 -14.13 30.52
C GLY B 431 20.10 -13.62 31.72
N LEU B 432 18.96 -12.96 31.40
CA LEU B 432 18.09 -12.40 32.48
C LEU B 432 16.77 -13.26 32.67
N LEU B 433 16.60 -14.27 31.85
CA LEU B 433 15.33 -14.96 31.85
C LEU B 433 15.02 -15.69 33.13
N GLU B 434 15.96 -16.47 33.64
CA GLU B 434 15.73 -17.29 34.83
C GLU B 434 15.30 -16.42 36.01
N GLN B 435 16.05 -15.35 36.31
CA GLN B 435 15.71 -14.43 37.39
C GLN B 435 14.40 -13.66 37.16
N THR B 436 14.13 -13.31 35.91
CA THR B 436 12.98 -12.47 35.60
C THR B 436 11.75 -13.34 35.80
N LEU B 437 11.83 -14.62 35.43
CA LEU B 437 10.72 -15.52 35.71
C LEU B 437 10.56 -15.75 37.23
N LYS B 438 11.69 -15.84 37.92
CA LYS B 438 11.66 -16.07 39.35
C LYS B 438 10.85 -15.01 40.08
N THR B 439 11.06 -13.75 39.70
CA THR B 439 10.35 -12.67 40.41
C THR B 439 8.89 -12.52 39.94
N CYS B 440 8.61 -13.05 38.75
CA CYS B 440 7.28 -12.93 38.14
C CYS B 440 6.25 -13.88 38.72
N ASP B 441 6.56 -15.18 38.81
CA ASP B 441 5.59 -16.16 39.27
C ASP B 441 6.30 -17.37 39.81
N ASP B 442 6.00 -17.74 41.05
CA ASP B 442 6.72 -18.83 41.70
C ASP B 442 6.49 -20.17 40.97
N THR B 443 5.27 -20.43 40.52
CA THR B 443 4.95 -21.74 39.91
C THR B 443 5.53 -21.84 38.50
N ARG B 444 5.45 -20.75 37.74
CA ARG B 444 6.06 -20.76 36.42
C ARG B 444 7.55 -20.95 36.50
N TYR B 445 8.16 -20.30 37.48
CA TYR B 445 9.59 -20.46 37.73
C TYR B 445 9.94 -21.89 38.10
N LYS B 446 9.17 -22.47 39.03
CA LYS B 446 9.37 -23.87 39.42
C LYS B 446 9.31 -24.76 38.20
N ASN B 447 8.30 -24.57 37.35
CA ASN B 447 8.14 -25.40 36.17
C ASN B 447 9.31 -25.20 35.23
N TYR B 448 9.66 -23.96 35.00
CA TYR B 448 10.83 -23.64 34.17
C TYR B 448 12.09 -24.37 34.66
N GLN B 449 12.30 -24.39 35.98
CA GLN B 449 13.56 -24.98 36.56
C GLN B 449 13.62 -26.48 36.35
N THR B 450 12.46 -27.14 36.15
CA THR B 450 12.47 -28.57 35.85
C THR B 450 13.10 -28.88 34.48
N GLY B 451 13.22 -27.86 33.61
CA GLY B 451 13.90 -27.95 32.32
C GLY B 451 15.42 -27.88 32.43
N LYS B 452 15.93 -27.55 33.61
CA LYS B 452 17.38 -27.36 33.80
C LYS B 452 18.10 -28.69 33.83
N SER B 453 19.12 -28.85 33.03
CA SER B 453 20.08 -29.91 33.27
C SER B 453 21.49 -29.33 33.08
N ASP B 454 22.17 -29.22 34.22
CA ASP B 454 23.49 -28.65 34.29
C ASP B 454 23.40 -27.27 33.68
N ASN B 455 24.21 -26.95 32.67
CA ASN B 455 24.32 -25.57 32.17
C ASN B 455 23.27 -25.16 31.18
N ILE B 456 22.37 -26.06 30.82
CA ILE B 456 21.34 -25.67 29.86
C ILE B 456 19.96 -25.80 30.46
N ASN B 457 19.02 -25.02 29.96
CA ASN B 457 17.61 -25.23 30.30
C ASN B 457 16.88 -25.56 29.01
N LYS B 458 16.21 -26.70 28.98
CA LYS B 458 15.58 -27.20 27.75
C LYS B 458 14.52 -26.21 27.28
N PHE B 459 13.94 -25.45 28.20
CA PHE B 459 12.85 -24.52 27.84
C PHE B 459 13.32 -23.25 27.22
N ASN B 460 14.62 -23.05 27.12
CA ASN B 460 15.06 -21.83 26.44
C ASN B 460 14.79 -21.77 24.95
N TYR B 461 14.58 -22.93 24.34
CA TYR B 461 14.18 -23.02 22.94
C TYR B 461 13.09 -24.09 22.82
N PHE B 462 12.30 -23.97 21.75
CA PHE B 462 11.31 -25.02 21.49
C PHE B 462 12.08 -26.23 20.97
N PRO B 463 11.62 -27.43 21.31
CA PRO B 463 12.27 -28.66 20.86
C PRO B 463 12.03 -28.92 19.39
N ILE B 464 12.96 -29.62 18.76
CA ILE B 464 12.65 -30.24 17.46
C ILE B 464 11.43 -31.15 17.73
N PRO B 465 10.38 -31.09 16.90
CA PRO B 465 9.22 -31.96 17.16
C PRO B 465 9.50 -33.42 16.96
N ALA B 466 8.79 -34.24 17.71
CA ALA B 466 8.94 -35.65 17.62
C ALA B 466 8.65 -36.09 16.20
N LYS B 467 7.75 -35.41 15.52
CA LYS B 467 7.47 -35.74 14.11
C LYS B 467 8.71 -35.69 13.21
N GLU B 468 9.54 -34.68 13.43
CA GLU B 468 10.77 -34.49 12.65
C GLU B 468 11.75 -35.59 13.04
N LEU B 469 11.85 -35.90 14.32
CA LEU B 469 12.75 -37.01 14.75
C LEU B 469 12.39 -38.35 14.13
N ASP B 470 11.08 -38.57 13.97
CA ASP B 470 10.57 -39.80 13.38
CA ASP B 470 10.57 -39.81 13.36
C ASP B 470 10.76 -39.85 11.86
N THR B 471 10.65 -38.72 11.20
CA THR B 471 10.73 -38.75 9.73
CA THR B 471 10.73 -38.63 9.73
C THR B 471 12.16 -38.53 9.22
N ASN B 472 13.01 -37.91 10.06
CA ASN B 472 14.40 -37.58 9.69
C ASN B 472 15.38 -38.27 10.60
N PRO B 473 15.87 -39.47 10.22
CA PRO B 473 16.71 -40.24 11.14
C PRO B 473 18.07 -39.63 11.44
N LEU B 474 18.51 -38.62 10.69
CA LEU B 474 19.78 -37.97 10.99
C LEU B 474 19.65 -36.78 11.96
N CYS B 475 18.41 -36.43 12.27
CA CYS B 475 18.10 -35.33 13.17
C CYS B 475 18.02 -35.82 14.60
N THR B 476 18.90 -35.31 15.40
CA THR B 476 18.95 -35.64 16.82
C THR B 476 18.03 -34.74 17.67
N PRO B 477 17.65 -35.21 18.88
CA PRO B 477 16.84 -34.35 19.71
C PRO B 477 17.53 -33.06 20.13
N SER B 478 16.72 -32.05 20.39
CA SER B 478 17.17 -30.82 21.04
C SER B 478 17.83 -31.12 22.38
N GLU B 479 18.81 -30.30 22.71
CA GLU B 479 19.49 -30.44 23.98
C GLU B 479 18.52 -30.35 25.13
N GLY B 480 18.63 -31.28 26.08
CA GLY B 480 17.73 -31.29 27.22
C GLY B 480 16.42 -32.00 27.00
N TRP B 481 16.12 -32.33 25.74
CA TRP B 481 14.87 -32.98 25.35
C TRP B 481 15.06 -34.44 24.97
#